data_6O1H
#
_entry.id   6O1H
#
_cell.length_a   183.749
_cell.length_b   60.720
_cell.length_c   67.210
_cell.angle_alpha   90.000
_cell.angle_beta   94.630
_cell.angle_gamma   90.000
#
_symmetry.space_group_name_H-M   'C 1 2 1'
#
loop_
_entity.id
_entity.type
_entity.pdbx_description
1 polymer 'Tryptophan synthase alpha chain'
2 polymer 'Tryptophan synthase beta chain'
3 non-polymer 'DIMETHYL SULFOXIDE'
4 non-polymer '2-({[4-(TRIFLUOROMETHOXY)PHENYL]SULFONYL}AMINO)ETHYL DIHYDROGEN PHOSPHATE'
5 non-polymer 'CESIUM ION'
6 non-polymer 'CHLORIDE ION'
7 non-polymer pyridin-2-amine
8 non-polymer '(2E)-2-[({3-hydroxy-2-methyl-5-[(phosphonooxy)methyl]pyridin-4-yl}methyl)imino]-3-[(2-hydroxyphenyl)amino]propanoic acid'
9 water water
#
loop_
_entity_poly.entity_id
_entity_poly.type
_entity_poly.pdbx_seq_one_letter_code
_entity_poly.pdbx_strand_id
1 'polypeptide(L)'
;MERYENLFAQLNDRREGAFVPFVTLGDPGIEQSLKIIDTLIDAGADALELGVPFSDPLADGPTIQNANLRAFAAGVTPAQ
CFEMLALIREKHPTIPIGLLMYANLVFNNGIDAFYARCEQVGVDSVLVADVPVEESAPFRQAALRHNIAPIFICPPNADD
DLLRQVASYGRGYTYLLSRSGVTGAENRGALPLHHLIEKLKEYHAAPALQGFGISSPEQVSAAVRAGAAGAISGSAIVKI
IEKNLASPKQMLAELRSFVSAMKAASRA
;
A
2 'polypeptide(L)'
;TTLLNPYFGEFGGMYVPQILMPALNQLEEAFVSAQKDPEFQAQFADLLKNYAGRPTALTKCQNITAGTRTTLYLKREDLL
HGGAHKTNQVLGQALLAKRMGKSEIIAETGAGAHGVASALASALLGLKCRIYMGAKDVERQSPNVFRMRLMGAEVIPVHS
GSATLKDACNEALRDWSGSYETAHYMLGTAAGPHPYPTIVREFQRMIGEETKAQILDKEGRLPDAVIACVGGGSNAIGMF
ADFINDTSVGLIGVEPGGHGIETGEHGAPLKHGRVGIYFGMKAPMMQTADGQIEESYSISAGLDFPSVGPQHAYLNSIGR
ADYVSITDDEALEAFKTLCRHEGIIPALESSHALAHALKMMREQPEKEQLLVVNLSGRGDKDIFTVHDILKARGE
;
B
#
loop_
_chem_comp.id
_chem_comp.type
_chem_comp.name
_chem_comp.formula
1D0 non-polymer '(2E)-2-[({3-hydroxy-2-methyl-5-[(phosphonooxy)methyl]pyridin-4-yl}methyl)imino]-3-[(2-hydroxyphenyl)amino]propanoic acid' 'C17 H20 N3 O8 P'
CL non-polymer 'CHLORIDE ION' 'Cl -1'
CS non-polymer 'CESIUM ION' 'Cs 1'
DMS non-polymer 'DIMETHYL SULFOXIDE' 'C2 H6 O S'
F9F non-polymer '2-({[4-(TRIFLUOROMETHOXY)PHENYL]SULFONYL}AMINO)ETHYL DIHYDROGEN PHOSPHATE' 'C9 H11 F3 N O7 P S'
HVK non-polymer pyridin-2-amine 'C5 H6 N2'
#
# COMPACT_ATOMS: atom_id res chain seq x y z
N MET A 1 -32.88 1.42 -10.85
CA MET A 1 -33.74 2.57 -10.42
C MET A 1 -33.06 3.87 -10.85
N GLU A 2 -33.69 4.99 -10.45
CA GLU A 2 -33.23 6.33 -10.78
C GLU A 2 -33.25 7.22 -9.53
N ARG A 3 -32.77 6.70 -8.38
CA ARG A 3 -33.00 7.42 -7.12
C ARG A 3 -32.28 8.77 -7.09
N TYR A 4 -31.05 8.82 -7.62
CA TYR A 4 -30.29 10.05 -7.65
C TYR A 4 -30.95 11.06 -8.59
N GLU A 5 -31.34 10.55 -9.77
CA GLU A 5 -31.93 11.38 -10.82
C GLU A 5 -33.19 12.05 -10.28
N ASN A 6 -34.03 11.27 -9.58
CA ASN A 6 -35.27 11.77 -9.00
C ASN A 6 -34.95 12.77 -7.89
N LEU A 7 -33.93 12.48 -7.07
CA LEU A 7 -33.58 13.37 -5.98
C LEU A 7 -33.16 14.73 -6.52
N PHE A 8 -32.21 14.73 -7.48
CA PHE A 8 -31.67 15.97 -7.99
C PHE A 8 -32.72 16.76 -8.76
N ALA A 9 -33.66 16.07 -9.41
CA ALA A 9 -34.75 16.78 -10.09
C ALA A 9 -35.65 17.47 -9.08
N GLN A 10 -35.97 16.78 -7.98
CA GLN A 10 -36.78 17.33 -6.90
C GLN A 10 -36.04 18.51 -6.25
N LEU A 11 -34.74 18.32 -5.97
CA LEU A 11 -33.95 19.36 -5.34
C LEU A 11 -33.89 20.62 -6.21
N ASN A 12 -33.73 20.43 -7.52
CA ASN A 12 -33.57 21.54 -8.45
C ASN A 12 -34.84 22.38 -8.47
N ASP A 13 -35.99 21.70 -8.32
CA ASP A 13 -37.30 22.32 -8.33
C ASP A 13 -37.51 23.17 -7.09
N ARG A 14 -36.88 22.77 -5.98
CA ARG A 14 -36.98 23.50 -4.72
C ARG A 14 -35.79 24.44 -4.59
N ARG A 15 -35.02 24.58 -5.69
CA ARG A 15 -33.84 25.42 -5.76
C ARG A 15 -32.91 25.12 -4.59
N GLU A 16 -32.66 23.84 -4.31
CA GLU A 16 -31.82 23.55 -3.16
C GLU A 16 -30.72 22.54 -3.49
N GLY A 17 -29.72 22.49 -2.62
CA GLY A 17 -28.65 21.51 -2.74
C GLY A 17 -28.92 20.30 -1.85
N ALA A 18 -28.18 19.21 -2.09
CA ALA A 18 -28.29 18.01 -1.28
C ALA A 18 -27.34 18.10 -0.09
N PHE A 19 -27.78 17.63 1.08
CA PHE A 19 -26.86 17.31 2.15
C PHE A 19 -26.80 15.80 2.34
N VAL A 20 -25.58 15.26 2.23
CA VAL A 20 -25.35 13.82 2.23
C VAL A 20 -24.36 13.48 3.34
N PRO A 21 -24.83 12.96 4.50
CA PRO A 21 -23.95 12.44 5.54
C PRO A 21 -23.27 11.12 5.18
N PHE A 22 -22.06 10.93 5.71
CA PHE A 22 -21.37 9.64 5.70
C PHE A 22 -21.32 9.09 7.12
N VAL A 23 -21.56 7.77 7.27
CA VAL A 23 -21.18 7.05 8.48
C VAL A 23 -20.64 5.69 8.05
N THR A 24 -19.95 5.04 8.97
CA THR A 24 -19.54 3.66 8.77
C THR A 24 -20.68 2.75 9.23
N LEU A 25 -21.04 1.78 8.38
CA LEU A 25 -22.06 0.82 8.78
C LEU A 25 -21.54 0.01 9.98
N GLY A 26 -22.37 -0.03 11.02
CA GLY A 26 -22.11 -0.89 12.17
C GLY A 26 -21.27 -0.18 13.23
N ASP A 27 -21.05 1.13 13.06
CA ASP A 27 -20.35 1.91 14.05
C ASP A 27 -21.38 2.64 14.91
N PRO A 28 -21.46 2.44 16.24
CA PRO A 28 -20.52 1.63 17.03
C PRO A 28 -20.95 0.18 17.23
N GLY A 29 -22.16 -0.13 16.74
CA GLY A 29 -22.71 -1.47 16.69
C GLY A 29 -23.80 -1.49 15.63
N ILE A 30 -24.32 -2.68 15.30
CA ILE A 30 -25.33 -2.79 14.26
C ILE A 30 -26.59 -2.01 14.67
N GLU A 31 -27.14 -2.33 15.84
CA GLU A 31 -28.40 -1.72 16.27
C GLU A 31 -28.28 -0.21 16.36
N GLN A 32 -27.20 0.28 16.99
CA GLN A 32 -27.03 1.72 17.18
C GLN A 32 -26.79 2.41 15.83
N SER A 33 -26.07 1.72 14.93
CA SER A 33 -25.82 2.23 13.59
C SER A 33 -27.13 2.44 12.84
N LEU A 34 -28.01 1.43 12.88
CA LEU A 34 -29.32 1.52 12.24
C LEU A 34 -30.12 2.70 12.80
N LYS A 35 -30.05 2.93 14.12
CA LYS A 35 -30.77 4.04 14.73
C LYS A 35 -30.17 5.37 14.28
N ILE A 36 -28.84 5.41 14.21
CA ILE A 36 -28.11 6.60 13.79
C ILE A 36 -28.57 7.00 12.40
N ILE A 37 -28.61 6.01 11.51
CA ILE A 37 -28.96 6.23 10.11
C ILE A 37 -30.41 6.73 10.00
N ASP A 38 -31.31 6.18 10.84
CA ASP A 38 -32.69 6.65 10.82
C ASP A 38 -32.75 8.11 11.26
N THR A 39 -31.92 8.46 12.25
CA THR A 39 -31.85 9.82 12.77
C THR A 39 -31.33 10.77 11.68
N LEU A 40 -30.29 10.35 10.93
CA LEU A 40 -29.75 11.19 9.86
C LEU A 40 -30.86 11.51 8.85
N ILE A 41 -31.64 10.49 8.50
CA ILE A 41 -32.70 10.63 7.51
C ILE A 41 -33.82 11.52 8.07
N ASP A 42 -34.22 11.24 9.32
CA ASP A 42 -35.33 11.98 9.90
C ASP A 42 -34.97 13.46 10.03
N ALA A 43 -33.67 13.74 10.14
CA ALA A 43 -33.20 15.10 10.37
C ALA A 43 -33.00 15.85 9.06
N GLY A 44 -33.09 15.13 7.92
CA GLY A 44 -33.18 15.81 6.62
C GLY A 44 -32.11 15.41 5.61
N ALA A 45 -31.38 14.30 5.85
CA ALA A 45 -30.40 13.85 4.87
C ALA A 45 -31.10 13.59 3.53
N ASP A 46 -30.52 14.06 2.42
CA ASP A 46 -31.10 13.85 1.10
C ASP A 46 -30.68 12.51 0.49
N ALA A 47 -29.49 12.03 0.86
CA ALA A 47 -28.95 10.74 0.46
C ALA A 47 -28.01 10.27 1.55
N LEU A 48 -27.55 9.01 1.45
CA LEU A 48 -26.57 8.49 2.40
C LEU A 48 -25.31 8.08 1.63
N GLU A 49 -24.15 8.30 2.24
CA GLU A 49 -22.93 7.61 1.87
C GLU A 49 -22.55 6.69 3.02
N LEU A 50 -22.38 5.40 2.75
CA LEU A 50 -22.19 4.42 3.82
C LEU A 50 -20.93 3.60 3.57
N GLY A 51 -20.05 3.60 4.57
CA GLY A 51 -18.79 2.85 4.50
C GLY A 51 -18.93 1.42 5.04
N VAL A 52 -18.34 0.48 4.32
CA VAL A 52 -18.25 -0.89 4.80
C VAL A 52 -16.91 -1.00 5.54
N PRO A 53 -16.88 -1.45 6.80
CA PRO A 53 -15.61 -1.52 7.56
C PRO A 53 -14.57 -2.28 6.75
N PHE A 54 -13.41 -1.66 6.59
CA PHE A 54 -12.27 -2.22 5.89
C PHE A 54 -11.04 -2.13 6.80
N SER A 55 -10.21 -3.18 6.74
CA SER A 55 -9.04 -3.29 7.58
C SER A 55 -8.06 -2.13 7.35
N ASP A 56 -7.96 -1.64 6.11
CA ASP A 56 -6.91 -0.69 5.75
C ASP A 56 -7.47 0.43 4.89
N PRO A 57 -8.28 1.35 5.47
CA PRO A 57 -8.91 2.42 4.70
C PRO A 57 -7.98 3.59 4.41
N LEU A 58 -7.25 3.51 3.28
CA LEU A 58 -6.09 4.36 3.08
C LEU A 58 -6.48 5.77 2.62
N ALA A 59 -7.77 6.00 2.34
CA ALA A 59 -8.19 7.35 1.99
C ALA A 59 -8.81 8.05 3.20
N ASP A 60 -8.79 7.40 4.36
CA ASP A 60 -9.45 7.92 5.55
C ASP A 60 -8.43 8.35 6.60
N GLY A 61 -8.71 9.50 7.23
CA GLY A 61 -7.95 10.02 8.35
C GLY A 61 -8.43 9.38 9.67
N PRO A 62 -7.84 9.77 10.82
CA PRO A 62 -8.10 9.09 12.09
C PRO A 62 -9.55 8.94 12.52
N THR A 63 -10.38 9.97 12.28
CA THR A 63 -11.75 9.91 12.77
C THR A 63 -12.48 8.70 12.18
N ILE A 64 -12.37 8.55 10.85
CA ILE A 64 -13.06 7.46 10.17
C ILE A 64 -12.29 6.15 10.30
N GLN A 65 -10.96 6.22 10.44
CA GLN A 65 -10.19 5.04 10.82
C GLN A 65 -10.81 4.45 12.09
N ASN A 66 -11.10 5.32 13.06
CA ASN A 66 -11.60 4.86 14.36
C ASN A 66 -13.02 4.32 14.25
N ALA A 67 -13.81 4.87 13.32
CA ALA A 67 -15.14 4.36 13.04
C ALA A 67 -15.06 2.90 12.58
N ASN A 68 -14.12 2.63 11.65
CA ASN A 68 -13.88 1.30 11.12
C ASN A 68 -13.54 0.35 12.26
N LEU A 69 -12.66 0.81 13.16
CA LEU A 69 -12.19 0.00 14.27
C LEU A 69 -13.35 -0.35 15.20
N ARG A 70 -14.21 0.63 15.49
CA ARG A 70 -15.35 0.42 16.38
C ARG A 70 -16.27 -0.64 15.81
N ALA A 71 -16.55 -0.54 14.50
CA ALA A 71 -17.38 -1.51 13.80
C ALA A 71 -16.75 -2.90 13.91
N PHE A 72 -15.44 -2.99 13.72
CA PHE A 72 -14.77 -4.27 13.82
C PHE A 72 -14.85 -4.80 15.24
N ALA A 73 -14.78 -3.92 16.24
CA ALA A 73 -14.85 -4.35 17.63
C ALA A 73 -16.21 -4.98 17.94
N ALA A 74 -17.24 -4.51 17.23
CA ALA A 74 -18.59 -5.03 17.32
C ALA A 74 -18.80 -6.24 16.41
N GLY A 75 -17.72 -6.66 15.72
CA GLY A 75 -17.69 -7.87 14.91
C GLY A 75 -18.39 -7.73 13.56
N VAL A 76 -18.47 -6.50 13.03
CA VAL A 76 -19.24 -6.23 11.82
C VAL A 76 -18.48 -6.73 10.58
N THR A 77 -19.19 -7.47 9.73
CA THR A 77 -18.64 -8.06 8.53
C THR A 77 -19.35 -7.47 7.31
N PRO A 78 -18.76 -7.54 6.09
CA PRO A 78 -19.49 -7.15 4.88
C PRO A 78 -20.86 -7.81 4.77
N ALA A 79 -20.99 -9.08 5.18
CA ALA A 79 -22.26 -9.79 5.07
C ALA A 79 -23.32 -9.11 5.95
N GLN A 80 -22.91 -8.70 7.17
CA GLN A 80 -23.82 -8.05 8.09
C GLN A 80 -24.17 -6.65 7.56
N CYS A 81 -23.21 -6.02 6.88
CA CYS A 81 -23.49 -4.72 6.26
C CYS A 81 -24.56 -4.84 5.18
N PHE A 82 -24.53 -5.93 4.41
CA PHE A 82 -25.55 -6.12 3.39
C PHE A 82 -26.92 -6.35 4.04
N GLU A 83 -26.94 -7.09 5.16
CA GLU A 83 -28.17 -7.27 5.93
C GLU A 83 -28.72 -5.91 6.36
N MET A 84 -27.83 -5.04 6.85
CA MET A 84 -28.21 -3.70 7.30
C MET A 84 -28.77 -2.90 6.13
N LEU A 85 -28.10 -2.98 4.97
CA LEU A 85 -28.54 -2.18 3.83
C LEU A 85 -29.94 -2.60 3.42
N ALA A 86 -30.25 -3.89 3.53
CA ALA A 86 -31.58 -4.39 3.22
C ALA A 86 -32.61 -3.78 4.17
N LEU A 87 -32.26 -3.72 5.47
CA LEU A 87 -33.16 -3.17 6.48
C LEU A 87 -33.36 -1.67 6.26
N ILE A 88 -32.29 -0.96 5.87
CA ILE A 88 -32.40 0.47 5.62
C ILE A 88 -33.30 0.73 4.42
N ARG A 89 -33.04 0.01 3.31
CA ARG A 89 -33.84 0.21 2.10
C ARG A 89 -35.30 -0.15 2.37
N GLU A 90 -35.54 -1.13 3.26
CA GLU A 90 -36.90 -1.59 3.55
C GLU A 90 -37.71 -0.48 4.24
N LYS A 91 -37.04 0.39 5.01
CA LYS A 91 -37.70 1.45 5.76
C LYS A 91 -37.83 2.71 4.92
N HIS A 92 -36.89 2.90 3.98
CA HIS A 92 -36.69 4.15 3.27
C HIS A 92 -36.61 3.88 1.78
N PRO A 93 -37.75 3.83 1.06
CA PRO A 93 -37.75 3.36 -0.32
C PRO A 93 -37.11 4.30 -1.35
N THR A 94 -37.01 5.58 -1.02
CA THR A 94 -36.65 6.55 -2.04
C THR A 94 -35.26 7.15 -1.83
N ILE A 95 -34.69 7.01 -0.63
CA ILE A 95 -33.45 7.72 -0.37
C ILE A 95 -32.32 7.07 -1.18
N PRO A 96 -31.50 7.85 -1.93
CA PRO A 96 -30.33 7.29 -2.61
C PRO A 96 -29.29 6.80 -1.61
N ILE A 97 -28.82 5.57 -1.81
CA ILE A 97 -27.82 4.98 -0.94
C ILE A 97 -26.57 4.69 -1.77
N GLY A 98 -25.46 5.33 -1.38
CA GLY A 98 -24.17 5.10 -1.99
C GLY A 98 -23.23 4.40 -1.00
N LEU A 99 -22.48 3.43 -1.52
CA LEU A 99 -21.48 2.77 -0.70
C LEU A 99 -20.12 3.42 -0.94
N LEU A 100 -19.34 3.54 0.14
CA LEU A 100 -17.91 3.84 0.02
C LEU A 100 -17.16 2.53 0.26
N MET A 101 -16.54 2.05 -0.81
CA MET A 101 -15.87 0.75 -0.78
C MET A 101 -14.37 0.93 -0.99
N TYR A 102 -13.58 -0.02 -0.45
CA TYR A 102 -12.22 -0.21 -0.93
C TYR A 102 -12.18 -1.42 -1.86
N ALA A 103 -11.25 -1.38 -2.82
CA ALA A 103 -11.22 -2.30 -3.95
C ALA A 103 -11.27 -3.75 -3.49
N ASN A 104 -10.45 -4.08 -2.47
CA ASN A 104 -10.34 -5.49 -2.16
C ASN A 104 -11.68 -6.11 -1.78
N LEU A 105 -12.57 -5.33 -1.14
CA LEU A 105 -13.84 -5.84 -0.69
C LEU A 105 -14.77 -6.09 -1.88
N VAL A 106 -14.57 -5.34 -2.98
CA VAL A 106 -15.39 -5.50 -4.18
C VAL A 106 -14.84 -6.66 -5.00
N PHE A 107 -13.50 -6.75 -5.08
CA PHE A 107 -12.83 -7.78 -5.87
C PHE A 107 -12.93 -9.16 -5.21
N ASN A 108 -13.03 -9.19 -3.88
CA ASN A 108 -12.79 -10.38 -3.04
C ASN A 108 -13.53 -11.61 -3.55
N ASN A 109 -14.85 -11.48 -3.72
CA ASN A 109 -15.64 -12.65 -4.09
C ASN A 109 -16.13 -12.51 -5.53
N GLY A 110 -15.43 -11.68 -6.31
CA GLY A 110 -15.83 -11.44 -7.69
C GLY A 110 -16.53 -10.08 -7.83
N ILE A 111 -16.04 -9.27 -8.77
CA ILE A 111 -16.56 -7.93 -8.97
C ILE A 111 -18.04 -8.00 -9.34
N ASP A 112 -18.38 -8.85 -10.31
CA ASP A 112 -19.75 -8.92 -10.79
C ASP A 112 -20.67 -9.31 -9.64
N ALA A 113 -20.25 -10.31 -8.86
CA ALA A 113 -21.07 -10.78 -7.74
C ALA A 113 -21.29 -9.66 -6.73
N PHE A 114 -20.28 -8.81 -6.52
CA PHE A 114 -20.43 -7.73 -5.56
C PHE A 114 -21.56 -6.79 -5.98
N TYR A 115 -21.51 -6.34 -7.24
CA TYR A 115 -22.49 -5.41 -7.77
C TYR A 115 -23.87 -6.06 -7.82
N ALA A 116 -23.92 -7.37 -8.10
CA ALA A 116 -25.17 -8.11 -8.11
C ALA A 116 -25.81 -8.04 -6.72
N ARG A 117 -24.99 -8.17 -5.68
CA ARG A 117 -25.48 -8.13 -4.31
C ARG A 117 -25.97 -6.72 -3.95
N CYS A 118 -25.25 -5.69 -4.41
CA CYS A 118 -25.67 -4.31 -4.23
C CYS A 118 -27.06 -4.07 -4.81
N GLU A 119 -27.28 -4.61 -6.02
CA GLU A 119 -28.54 -4.46 -6.72
C GLU A 119 -29.66 -5.14 -5.94
N GLN A 120 -29.37 -6.35 -5.43
CA GLN A 120 -30.35 -7.15 -4.71
C GLN A 120 -30.86 -6.39 -3.48
N VAL A 121 -29.97 -5.66 -2.80
CA VAL A 121 -30.33 -5.04 -1.52
C VAL A 121 -30.85 -3.62 -1.72
N GLY A 122 -30.66 -3.07 -2.92
CA GLY A 122 -31.26 -1.78 -3.29
C GLY A 122 -30.32 -0.59 -3.12
N VAL A 123 -29.01 -0.84 -3.20
CA VAL A 123 -27.99 0.21 -3.23
C VAL A 123 -28.06 0.95 -4.57
N ASP A 124 -27.75 2.26 -4.57
CA ASP A 124 -27.87 3.08 -5.77
C ASP A 124 -26.53 3.40 -6.42
N SER A 125 -25.46 3.54 -5.63
CA SER A 125 -24.16 3.87 -6.20
C SER A 125 -23.06 3.18 -5.40
N VAL A 126 -21.89 3.07 -6.04
CA VAL A 126 -20.68 2.56 -5.40
C VAL A 126 -19.51 3.43 -5.83
N LEU A 127 -18.78 3.90 -4.82
CA LEU A 127 -17.53 4.62 -5.01
C LEU A 127 -16.44 3.72 -4.45
N VAL A 128 -15.47 3.39 -5.29
CA VAL A 128 -14.35 2.56 -4.85
C VAL A 128 -13.15 3.50 -4.75
N ALA A 129 -12.75 3.76 -3.51
CA ALA A 129 -11.83 4.85 -3.17
C ALA A 129 -10.46 4.69 -3.81
N ASP A 130 -9.98 3.44 -3.92
CA ASP A 130 -8.62 3.21 -4.41
C ASP A 130 -8.63 2.66 -5.84
N VAL A 131 -9.70 2.94 -6.59
CA VAL A 131 -9.71 2.59 -8.00
C VAL A 131 -9.82 3.88 -8.80
N PRO A 132 -8.73 4.35 -9.45
CA PRO A 132 -8.82 5.54 -10.30
C PRO A 132 -9.50 5.16 -11.61
N VAL A 133 -9.80 6.15 -12.46
N VAL A 133 -9.85 6.18 -12.43
CA VAL A 133 -10.52 5.93 -13.69
CA VAL A 133 -10.49 5.96 -13.72
C VAL A 133 -9.70 5.02 -14.63
C VAL A 133 -9.70 4.93 -14.52
N GLU A 134 -8.38 5.08 -14.49
CA GLU A 134 -7.45 4.25 -15.26
C GLU A 134 -7.66 2.75 -15.00
N GLU A 135 -8.15 2.38 -13.81
CA GLU A 135 -8.32 0.98 -13.48
C GLU A 135 -9.80 0.59 -13.42
N SER A 136 -10.70 1.49 -13.88
CA SER A 136 -12.09 1.38 -13.45
C SER A 136 -12.91 0.42 -14.31
N ALA A 137 -12.42 0.03 -15.49
CA ALA A 137 -13.23 -0.64 -16.50
C ALA A 137 -14.10 -1.77 -15.93
N PRO A 138 -13.55 -2.82 -15.29
CA PRO A 138 -14.40 -3.92 -14.83
C PRO A 138 -15.39 -3.52 -13.74
N PHE A 139 -15.05 -2.48 -12.96
CA PHE A 139 -15.90 -2.02 -11.87
C PHE A 139 -17.11 -1.28 -12.45
N ARG A 140 -16.82 -0.34 -13.36
CA ARG A 140 -17.90 0.48 -13.91
C ARG A 140 -18.81 -0.38 -14.80
N GLN A 141 -18.23 -1.35 -15.51
CA GLN A 141 -19.02 -2.22 -16.36
C GLN A 141 -19.98 -3.05 -15.51
N ALA A 142 -19.46 -3.64 -14.42
CA ALA A 142 -20.28 -4.45 -13.54
C ALA A 142 -21.37 -3.62 -12.86
N ALA A 143 -21.02 -2.40 -12.43
CA ALA A 143 -21.98 -1.48 -11.84
C ALA A 143 -23.16 -1.24 -12.81
N LEU A 144 -22.85 -0.86 -14.04
CA LEU A 144 -23.90 -0.51 -15.00
C LEU A 144 -24.76 -1.73 -15.32
N ARG A 145 -24.16 -2.93 -15.37
CA ARG A 145 -24.91 -4.15 -15.68
C ARG A 145 -25.95 -4.45 -14.60
N HIS A 146 -25.67 -3.97 -13.38
CA HIS A 146 -26.53 -4.22 -12.22
C HIS A 146 -27.24 -2.94 -11.77
N ASN A 147 -27.34 -1.93 -12.65
CA ASN A 147 -28.12 -0.73 -12.38
C ASN A 147 -27.58 0.05 -11.18
N ILE A 148 -26.27 -0.02 -10.97
CA ILE A 148 -25.60 0.72 -9.91
C ILE A 148 -24.83 1.86 -10.58
N ALA A 149 -24.92 3.07 -9.99
CA ALA A 149 -24.17 4.21 -10.47
C ALA A 149 -22.71 4.07 -10.03
N PRO A 150 -21.74 4.03 -10.98
CA PRO A 150 -20.32 4.10 -10.60
C PRO A 150 -19.94 5.56 -10.30
N ILE A 151 -19.45 5.81 -9.08
CA ILE A 151 -19.10 7.17 -8.66
C ILE A 151 -17.62 7.42 -8.92
N PHE A 152 -17.36 8.46 -9.73
CA PHE A 152 -16.01 8.87 -10.08
C PHE A 152 -15.61 10.12 -9.31
N ILE A 153 -14.31 10.22 -9.04
CA ILE A 153 -13.75 11.36 -8.33
C ILE A 153 -13.19 12.36 -9.33
N CYS A 154 -13.61 13.61 -9.17
CA CYS A 154 -12.99 14.75 -9.83
C CYS A 154 -12.12 15.49 -8.81
N PRO A 155 -10.78 15.27 -8.82
CA PRO A 155 -9.88 15.93 -7.88
C PRO A 155 -9.63 17.39 -8.27
N PRO A 156 -9.12 18.24 -7.35
CA PRO A 156 -8.77 19.63 -7.69
C PRO A 156 -7.71 19.71 -8.78
N ASN A 157 -6.89 18.65 -8.90
CA ASN A 157 -5.78 18.60 -9.84
C ASN A 157 -6.22 17.93 -11.16
N ALA A 158 -7.52 17.98 -11.47
CA ALA A 158 -8.06 17.34 -12.67
C ALA A 158 -7.75 18.16 -13.92
N ASP A 159 -7.20 17.50 -14.94
CA ASP A 159 -7.04 18.10 -16.27
C ASP A 159 -8.29 17.85 -17.10
N ASP A 160 -8.28 18.32 -18.35
CA ASP A 160 -9.45 18.30 -19.21
C ASP A 160 -9.84 16.87 -19.59
N ASP A 161 -8.82 16.04 -19.90
CA ASP A 161 -9.04 14.63 -20.23
C ASP A 161 -9.83 13.96 -19.10
N LEU A 162 -9.41 14.19 -17.86
CA LEU A 162 -10.04 13.56 -16.71
C LEU A 162 -11.48 14.05 -16.55
N LEU A 163 -11.72 15.34 -16.77
CA LEU A 163 -13.08 15.85 -16.67
C LEU A 163 -13.99 15.13 -17.67
N ARG A 164 -13.49 14.97 -18.89
CA ARG A 164 -14.25 14.33 -19.96
C ARG A 164 -14.55 12.88 -19.61
N GLN A 165 -13.56 12.18 -19.04
CA GLN A 165 -13.72 10.78 -18.71
C GLN A 165 -14.75 10.62 -17.59
N VAL A 166 -14.57 11.38 -16.51
CA VAL A 166 -15.45 11.35 -15.36
C VAL A 166 -16.88 11.70 -15.80
N ALA A 167 -17.00 12.66 -16.73
CA ALA A 167 -18.31 13.09 -17.21
C ALA A 167 -19.00 11.95 -17.97
N SER A 168 -18.21 11.22 -18.77
CA SER A 168 -18.75 10.18 -19.62
C SER A 168 -19.09 8.92 -18.81
N TYR A 169 -18.15 8.49 -17.97
CA TYR A 169 -18.20 7.17 -17.34
C TYR A 169 -19.14 7.14 -16.14
N GLY A 170 -19.29 8.27 -15.46
CA GLY A 170 -19.98 8.31 -14.18
C GLY A 170 -21.50 8.39 -14.33
N ARG A 171 -22.20 8.05 -13.24
CA ARG A 171 -23.64 8.16 -13.14
C ARG A 171 -23.97 8.55 -11.70
N GLY A 172 -25.21 8.97 -11.46
CA GLY A 172 -25.67 9.23 -10.10
C GLY A 172 -25.23 10.61 -9.66
N TYR A 173 -23.96 10.72 -9.27
CA TYR A 173 -23.37 12.02 -8.97
C TYR A 173 -21.88 11.98 -9.30
N THR A 174 -21.28 13.17 -9.48
CA THR A 174 -19.83 13.28 -9.57
C THR A 174 -19.29 13.72 -8.21
N TYR A 175 -18.26 13.02 -7.74
CA TYR A 175 -17.65 13.37 -6.48
C TYR A 175 -16.60 14.46 -6.71
N LEU A 176 -16.85 15.65 -6.16
CA LEU A 176 -15.92 16.76 -6.29
C LEU A 176 -15.11 16.88 -5.01
N LEU A 177 -13.83 16.50 -5.11
CA LEU A 177 -12.89 16.50 -4.00
C LEU A 177 -12.55 17.93 -3.61
N SER A 178 -12.70 18.24 -2.33
CA SER A 178 -12.40 19.56 -1.79
C SER A 178 -10.92 19.87 -1.94
N ARG A 179 -10.09 18.85 -1.70
CA ARG A 179 -8.67 19.03 -1.45
C ARG A 179 -7.97 17.68 -1.57
N SER A 180 -6.64 17.73 -1.68
CA SER A 180 -5.78 16.57 -1.49
C SER A 180 -5.90 16.09 -0.05
N GLY A 181 -5.23 14.97 0.24
CA GLY A 181 -5.23 14.43 1.59
C GLY A 181 -6.28 13.34 1.79
N VAL A 182 -6.58 13.07 3.06
CA VAL A 182 -7.51 12.02 3.44
C VAL A 182 -8.71 12.66 4.13
N THR A 183 -9.72 11.84 4.45
CA THR A 183 -10.93 12.37 5.08
C THR A 183 -10.57 13.00 6.43
N GLY A 184 -11.31 14.04 6.81
CA GLY A 184 -11.13 14.64 8.13
C GLY A 184 -11.69 16.05 8.21
N ALA A 185 -12.30 16.37 9.36
CA ALA A 185 -12.96 17.65 9.54
C ALA A 185 -11.94 18.73 9.90
N GLU A 186 -10.73 18.32 10.29
CA GLU A 186 -9.70 19.24 10.78
C GLU A 186 -9.03 20.00 9.65
N ASN A 187 -9.09 19.47 8.42
CA ASN A 187 -8.49 20.10 7.27
C ASN A 187 -9.57 20.48 6.28
N ARG A 188 -9.79 21.79 6.11
CA ARG A 188 -10.78 22.32 5.17
C ARG A 188 -10.11 22.61 3.84
N GLY A 189 -10.82 22.38 2.75
CA GLY A 189 -10.29 22.60 1.41
C GLY A 189 -10.10 24.08 1.11
N ALA A 190 -8.94 24.44 0.54
CA ALA A 190 -8.53 25.82 0.36
C ALA A 190 -8.72 26.30 -1.09
N LEU A 191 -8.91 25.36 -2.03
CA LEU A 191 -9.00 25.71 -3.45
C LEU A 191 -10.43 26.06 -3.83
N PRO A 192 -10.68 27.14 -4.61
CA PRO A 192 -11.99 27.35 -5.23
C PRO A 192 -12.21 26.35 -6.37
N LEU A 193 -13.41 25.76 -6.44
CA LEU A 193 -13.65 24.68 -7.38
C LEU A 193 -14.59 25.08 -8.51
N HIS A 194 -14.87 26.37 -8.67
CA HIS A 194 -15.90 26.81 -9.60
C HIS A 194 -15.60 26.42 -11.05
N HIS A 195 -14.31 26.41 -11.43
CA HIS A 195 -13.93 26.10 -12.81
C HIS A 195 -14.23 24.63 -13.13
N LEU A 196 -13.98 23.75 -12.16
CA LEU A 196 -14.23 22.33 -12.39
C LEU A 196 -15.74 22.08 -12.50
N ILE A 197 -16.53 22.77 -11.66
CA ILE A 197 -17.98 22.61 -11.62
C ILE A 197 -18.60 22.96 -12.98
N GLU A 198 -18.12 24.05 -13.58
CA GLU A 198 -18.63 24.53 -14.86
C GLU A 198 -18.27 23.55 -15.98
N LYS A 199 -17.05 23.01 -15.93
CA LYS A 199 -16.58 22.10 -16.97
C LYS A 199 -17.39 20.80 -16.94
N LEU A 200 -17.68 20.32 -15.71
CA LEU A 200 -18.45 19.10 -15.53
C LEU A 200 -19.84 19.31 -16.14
N LYS A 201 -20.42 20.49 -15.92
CA LYS A 201 -21.75 20.79 -16.43
C LYS A 201 -21.74 20.81 -17.96
N GLU A 202 -20.67 21.36 -18.55
CA GLU A 202 -20.53 21.47 -19.99
C GLU A 202 -20.44 20.09 -20.65
N TYR A 203 -19.81 19.14 -19.96
CA TYR A 203 -19.61 17.79 -20.45
C TYR A 203 -20.72 16.86 -19.98
N HIS A 204 -21.78 17.44 -19.40
CA HIS A 204 -22.99 16.72 -19.04
C HIS A 204 -22.72 15.64 -18.00
N ALA A 205 -21.79 15.91 -17.07
CA ALA A 205 -21.49 15.00 -15.99
C ALA A 205 -22.71 14.89 -15.06
N ALA A 206 -22.79 13.77 -14.33
CA ALA A 206 -23.72 13.63 -13.22
C ALA A 206 -23.52 14.81 -12.27
N PRO A 207 -24.57 15.30 -11.56
CA PRO A 207 -24.45 16.45 -10.67
C PRO A 207 -23.37 16.24 -9.62
N ALA A 208 -22.70 17.34 -9.24
CA ALA A 208 -21.52 17.26 -8.41
C ALA A 208 -21.88 17.41 -6.93
N LEU A 209 -21.34 16.52 -6.09
CA LEU A 209 -21.36 16.72 -4.65
C LEU A 209 -19.94 16.96 -4.18
N GLN A 210 -19.73 18.02 -3.39
CA GLN A 210 -18.40 18.30 -2.87
C GLN A 210 -18.17 17.52 -1.57
N GLY A 211 -17.01 16.88 -1.44
CA GLY A 211 -16.71 16.20 -0.19
C GLY A 211 -15.25 16.30 0.21
N PHE A 212 -15.00 16.05 1.50
CA PHE A 212 -13.75 16.12 2.25
C PHE A 212 -13.71 17.46 2.99
N GLY A 213 -13.63 17.38 4.33
CA GLY A 213 -13.41 18.55 5.15
C GLY A 213 -14.66 19.40 5.39
N ILE A 214 -15.84 18.97 4.87
CA ILE A 214 -17.06 19.76 5.06
C ILE A 214 -17.60 19.46 6.47
N SER A 215 -17.56 20.46 7.35
CA SER A 215 -17.92 20.23 8.74
C SER A 215 -18.88 21.30 9.28
N SER A 216 -19.17 22.31 8.47
CA SER A 216 -19.98 23.43 8.96
C SER A 216 -21.02 23.83 7.93
N PRO A 217 -22.19 24.38 8.38
CA PRO A 217 -23.25 24.79 7.46
C PRO A 217 -22.78 25.77 6.39
N GLU A 218 -21.86 26.67 6.77
CA GLU A 218 -21.32 27.67 5.87
C GLU A 218 -20.69 27.00 4.64
N GLN A 219 -20.00 25.87 4.85
CA GLN A 219 -19.31 25.20 3.76
C GLN A 219 -20.31 24.53 2.83
N VAL A 220 -21.44 24.09 3.41
CA VAL A 220 -22.52 23.51 2.63
C VAL A 220 -23.08 24.58 1.69
N SER A 221 -23.42 25.76 2.24
CA SER A 221 -23.95 26.85 1.43
C SER A 221 -22.97 27.22 0.32
N ALA A 222 -21.68 27.31 0.69
CA ALA A 222 -20.65 27.76 -0.23
C ALA A 222 -20.51 26.80 -1.41
N ALA A 223 -20.62 25.49 -1.15
CA ALA A 223 -20.55 24.51 -2.22
C ALA A 223 -21.71 24.74 -3.20
N VAL A 224 -22.91 24.95 -2.66
CA VAL A 224 -24.11 25.12 -3.46
C VAL A 224 -24.01 26.44 -4.24
N ARG A 225 -23.56 27.50 -3.55
CA ARG A 225 -23.41 28.80 -4.18
C ARG A 225 -22.38 28.72 -5.31
N ALA A 226 -21.36 27.85 -5.14
CA ALA A 226 -20.30 27.69 -6.12
C ALA A 226 -20.76 26.89 -7.35
N GLY A 227 -21.98 26.32 -7.27
CA GLY A 227 -22.59 25.66 -8.41
C GLY A 227 -22.69 24.14 -8.24
N ALA A 228 -22.16 23.61 -7.14
CA ALA A 228 -22.27 22.18 -6.87
C ALA A 228 -23.72 21.83 -6.50
N ALA A 229 -24.10 20.55 -6.65
CA ALA A 229 -25.48 20.16 -6.41
C ALA A 229 -25.70 19.85 -4.93
N GLY A 230 -24.61 19.78 -4.17
CA GLY A 230 -24.69 19.54 -2.74
C GLY A 230 -23.33 19.20 -2.16
N ALA A 231 -23.36 18.71 -0.91
CA ALA A 231 -22.13 18.45 -0.17
C ALA A 231 -22.28 17.19 0.67
N ILE A 232 -21.14 16.51 0.87
CA ILE A 232 -21.02 15.34 1.72
C ILE A 232 -20.20 15.72 2.96
N SER A 233 -20.59 15.17 4.12
CA SER A 233 -19.92 15.39 5.39
C SER A 233 -19.81 14.05 6.12
N GLY A 234 -18.58 13.65 6.47
CA GLY A 234 -18.35 12.37 7.11
C GLY A 234 -17.78 12.52 8.51
N SER A 235 -16.52 12.97 8.58
CA SER A 235 -15.80 13.05 9.84
C SER A 235 -16.56 13.84 10.89
N ALA A 236 -17.18 14.95 10.48
CA ALA A 236 -17.95 15.81 11.39
C ALA A 236 -19.06 15.02 12.07
N ILE A 237 -19.70 14.13 11.31
CA ILE A 237 -20.81 13.33 11.80
C ILE A 237 -20.28 12.26 12.75
N VAL A 238 -19.19 11.60 12.33
CA VAL A 238 -18.58 10.48 13.04
C VAL A 238 -18.01 10.95 14.37
N LYS A 239 -17.49 12.19 14.40
CA LYS A 239 -17.01 12.80 15.62
C LYS A 239 -18.10 12.85 16.68
N ILE A 240 -19.36 13.03 16.25
CA ILE A 240 -20.45 13.15 17.21
C ILE A 240 -20.74 11.77 17.80
N ILE A 241 -20.61 10.74 16.97
CA ILE A 241 -20.72 9.37 17.45
C ILE A 241 -19.64 9.12 18.49
N GLU A 242 -18.39 9.46 18.14
CA GLU A 242 -17.24 9.13 18.97
C GLU A 242 -17.36 9.82 20.32
N LYS A 243 -17.88 11.04 20.32
CA LYS A 243 -17.92 11.87 21.51
C LYS A 243 -18.98 11.35 22.49
N ASN A 244 -19.96 10.61 21.97
CA ASN A 244 -21.16 10.32 22.74
C ASN A 244 -21.38 8.82 22.89
N LEU A 245 -20.31 8.04 22.76
CA LEU A 245 -20.41 6.58 22.82
C LEU A 245 -21.16 6.14 24.07
N ALA A 246 -20.94 6.85 25.18
CA ALA A 246 -21.46 6.45 26.48
C ALA A 246 -22.89 6.96 26.70
N SER A 247 -23.36 7.83 25.81
CA SER A 247 -24.73 8.34 25.89
C SER A 247 -25.42 8.25 24.53
N PRO A 248 -25.99 7.07 24.18
CA PRO A 248 -26.66 6.89 22.89
C PRO A 248 -27.79 7.88 22.64
N LYS A 249 -28.44 8.37 23.70
CA LYS A 249 -29.55 9.30 23.59
C LYS A 249 -29.04 10.67 23.17
N GLN A 250 -27.97 11.13 23.82
CA GLN A 250 -27.39 12.44 23.51
C GLN A 250 -26.67 12.37 22.16
N MET A 251 -26.25 11.17 21.76
CA MET A 251 -25.63 10.98 20.46
C MET A 251 -26.65 11.33 19.37
N LEU A 252 -27.84 10.74 19.48
CA LEU A 252 -28.87 10.92 18.47
C LEU A 252 -29.39 12.35 18.44
N ALA A 253 -29.56 12.97 19.62
CA ALA A 253 -29.97 14.36 19.73
C ALA A 253 -28.99 15.27 19.00
N GLU A 254 -27.69 15.02 19.19
CA GLU A 254 -26.66 15.90 18.64
C GLU A 254 -26.53 15.69 17.13
N LEU A 255 -26.72 14.44 16.68
CA LEU A 255 -26.70 14.14 15.26
C LEU A 255 -27.88 14.83 14.59
N ARG A 256 -29.04 14.79 15.25
CA ARG A 256 -30.24 15.40 14.69
C ARG A 256 -30.04 16.90 14.48
N SER A 257 -29.49 17.58 15.49
CA SER A 257 -29.37 19.04 15.43
C SER A 257 -28.34 19.43 14.36
N PHE A 258 -27.24 18.66 14.30
CA PHE A 258 -26.18 18.91 13.34
C PHE A 258 -26.69 18.73 11.91
N VAL A 259 -27.31 17.57 11.63
CA VAL A 259 -27.81 17.27 10.30
C VAL A 259 -28.86 18.31 9.92
N SER A 260 -29.76 18.65 10.85
CA SER A 260 -30.78 19.65 10.61
C SER A 260 -30.13 20.95 10.12
N ALA A 261 -29.08 21.38 10.83
CA ALA A 261 -28.40 22.65 10.57
C ALA A 261 -27.67 22.59 9.24
N MET A 262 -27.01 21.46 8.96
CA MET A 262 -26.30 21.27 7.71
C MET A 262 -27.28 21.26 6.54
N LYS A 263 -28.41 20.56 6.71
CA LYS A 263 -29.41 20.49 5.64
C LYS A 263 -29.98 21.87 5.37
N ALA A 264 -30.28 22.63 6.44
CA ALA A 264 -30.88 23.96 6.30
C ALA A 264 -29.98 24.85 5.46
N ALA A 265 -28.66 24.61 5.53
CA ALA A 265 -27.68 25.43 4.83
C ALA A 265 -27.75 25.18 3.33
N SER A 266 -28.35 24.04 2.94
CA SER A 266 -28.43 23.68 1.53
C SER A 266 -29.64 24.34 0.87
N ARG A 267 -30.47 25.00 1.68
CA ARG A 267 -31.72 25.57 1.18
C ARG A 267 -31.47 26.97 0.59
N ALA A 268 -30.37 27.61 1.02
CA ALA A 268 -29.82 28.75 0.30
C ALA A 268 -28.50 29.22 0.96
N THR B 1 -3.64 6.51 -18.85
CA THR B 1 -2.56 6.44 -19.87
C THR B 1 -1.22 6.45 -19.16
N THR B 2 -0.35 5.52 -19.54
CA THR B 2 1.00 5.44 -19.01
C THR B 2 1.97 5.23 -20.17
N LEU B 3 3.25 5.52 -19.92
CA LEU B 3 4.32 5.33 -20.88
C LEU B 3 4.76 3.87 -20.89
N LEU B 4 4.73 3.23 -19.71
CA LEU B 4 5.21 1.88 -19.51
C LEU B 4 4.06 0.97 -19.08
N ASN B 5 4.24 -0.33 -19.29
CA ASN B 5 3.22 -1.30 -18.93
C ASN B 5 3.13 -1.41 -17.40
N PRO B 6 1.97 -1.11 -16.77
CA PRO B 6 1.86 -1.18 -15.31
C PRO B 6 1.67 -2.58 -14.74
N TYR B 7 1.51 -3.56 -15.63
CA TYR B 7 1.17 -4.92 -15.22
C TYR B 7 2.25 -5.92 -15.61
N PHE B 8 2.35 -6.97 -14.77
CA PHE B 8 3.10 -8.17 -15.07
C PHE B 8 2.08 -9.30 -15.13
N GLY B 9 1.62 -9.63 -16.33
CA GLY B 9 0.45 -10.50 -16.45
C GLY B 9 -0.76 -9.83 -15.78
N GLU B 10 -1.41 -10.54 -14.85
CA GLU B 10 -2.58 -9.99 -14.16
C GLU B 10 -2.18 -9.09 -12.99
N PHE B 11 -0.89 -9.06 -12.62
CA PHE B 11 -0.53 -8.45 -11.35
C PHE B 11 0.04 -7.05 -11.56
N GLY B 12 -0.25 -6.17 -10.59
CA GLY B 12 0.33 -4.83 -10.60
C GLY B 12 -0.75 -3.76 -10.69
N GLY B 13 -0.52 -2.78 -11.57
CA GLY B 13 -1.49 -1.70 -11.78
C GLY B 13 -1.27 -0.53 -10.83
N MET B 14 -2.28 0.36 -10.77
CA MET B 14 -2.15 1.63 -10.09
C MET B 14 -3.42 1.88 -9.28
N TYR B 15 -3.58 1.09 -8.20
CA TYR B 15 -4.81 1.13 -7.42
C TYR B 15 -4.67 2.13 -6.28
N VAL B 16 -4.59 3.41 -6.64
CA VAL B 16 -4.50 4.46 -5.65
C VAL B 16 -5.69 5.38 -5.84
N PRO B 17 -6.05 6.18 -4.82
CA PRO B 17 -7.03 7.26 -5.00
C PRO B 17 -6.64 8.14 -6.19
N GLN B 18 -7.67 8.60 -6.91
CA GLN B 18 -7.49 9.41 -8.10
C GLN B 18 -6.53 10.58 -7.86
N ILE B 19 -6.59 11.15 -6.65
CA ILE B 19 -5.76 12.30 -6.28
C ILE B 19 -4.28 12.05 -6.57
N LEU B 20 -3.85 10.79 -6.48
CA LEU B 20 -2.43 10.47 -6.54
C LEU B 20 -1.97 10.11 -7.95
N MET B 21 -2.89 10.05 -8.93
CA MET B 21 -2.49 9.61 -10.25
C MET B 21 -1.51 10.58 -10.91
N PRO B 22 -1.72 11.92 -10.86
CA PRO B 22 -0.74 12.83 -11.42
C PRO B 22 0.67 12.62 -10.85
N ALA B 23 0.76 12.31 -9.56
CA ALA B 23 2.06 12.07 -8.92
C ALA B 23 2.73 10.83 -9.52
N LEU B 24 1.94 9.77 -9.71
CA LEU B 24 2.47 8.55 -10.30
C LEU B 24 2.87 8.81 -11.76
N ASN B 25 2.04 9.57 -12.49
CA ASN B 25 2.38 9.83 -13.88
C ASN B 25 3.66 10.66 -13.98
N GLN B 26 3.82 11.63 -13.07
CA GLN B 26 4.97 12.51 -13.08
C GLN B 26 6.24 11.70 -12.79
N LEU B 27 6.10 10.76 -11.85
CA LEU B 27 7.22 9.94 -11.44
C LEU B 27 7.64 9.05 -12.61
N GLU B 28 6.65 8.46 -13.28
CA GLU B 28 6.93 7.58 -14.41
C GLU B 28 7.66 8.37 -15.49
N GLU B 29 7.17 9.57 -15.82
CA GLU B 29 7.76 10.38 -16.87
C GLU B 29 9.21 10.73 -16.51
N ALA B 30 9.44 11.08 -15.24
CA ALA B 30 10.77 11.49 -14.80
C ALA B 30 11.74 10.31 -14.88
N PHE B 31 11.23 9.12 -14.56
CA PHE B 31 12.04 7.90 -14.63
C PHE B 31 12.44 7.59 -16.08
N VAL B 32 11.46 7.64 -16.99
CA VAL B 32 11.70 7.33 -18.39
C VAL B 32 12.72 8.32 -18.96
N SER B 33 12.56 9.60 -18.58
CA SER B 33 13.45 10.67 -19.00
C SER B 33 14.86 10.42 -18.44
N ALA B 34 14.93 10.13 -17.14
CA ALA B 34 16.21 9.90 -16.47
C ALA B 34 16.96 8.71 -17.07
N GLN B 35 16.23 7.66 -17.43
CA GLN B 35 16.85 6.45 -17.94
C GLN B 35 17.54 6.72 -19.27
N LYS B 36 17.13 7.81 -19.95
CA LYS B 36 17.72 8.14 -21.24
C LYS B 36 18.76 9.25 -21.10
N ASP B 37 19.00 9.72 -19.88
CA ASP B 37 19.79 10.93 -19.65
C ASP B 37 21.18 10.55 -19.17
N PRO B 38 22.23 10.72 -20.00
CA PRO B 38 23.58 10.29 -19.63
C PRO B 38 24.08 10.97 -18.35
N GLU B 39 23.63 12.22 -18.13
CA GLU B 39 24.07 12.96 -16.95
C GLU B 39 23.48 12.35 -15.68
N PHE B 40 22.20 11.95 -15.75
CA PHE B 40 21.55 11.29 -14.63
C PHE B 40 22.29 9.97 -14.34
N GLN B 41 22.55 9.23 -15.42
CA GLN B 41 23.17 7.93 -15.26
C GLN B 41 24.56 8.07 -14.62
N ALA B 42 25.32 9.07 -15.07
CA ALA B 42 26.66 9.30 -14.57
C ALA B 42 26.62 9.72 -13.09
N GLN B 43 25.66 10.58 -12.72
CA GLN B 43 25.52 10.99 -11.33
C GLN B 43 25.18 9.79 -10.45
N PHE B 44 24.25 8.97 -10.93
CA PHE B 44 23.81 7.77 -10.22
C PHE B 44 25.00 6.83 -10.04
N ALA B 45 25.76 6.61 -11.12
CA ALA B 45 26.91 5.72 -11.10
C ALA B 45 27.93 6.23 -10.08
N ASP B 46 28.15 7.54 -10.06
CA ASP B 46 29.12 8.18 -9.19
C ASP B 46 28.78 7.90 -7.73
N LEU B 47 27.50 8.07 -7.37
CA LEU B 47 27.03 7.86 -6.01
C LEU B 47 27.18 6.38 -5.66
N LEU B 48 26.78 5.49 -6.58
CA LEU B 48 26.88 4.06 -6.28
C LEU B 48 28.32 3.66 -6.00
N LYS B 49 29.27 4.15 -6.81
CA LYS B 49 30.66 3.73 -6.70
C LYS B 49 31.32 4.43 -5.51
N ASN B 50 31.31 5.77 -5.53
CA ASN B 50 32.21 6.54 -4.68
C ASN B 50 31.61 6.85 -3.32
N TYR B 51 30.27 6.78 -3.22
CA TYR B 51 29.58 7.05 -1.97
C TYR B 51 29.13 5.75 -1.30
N ALA B 52 28.52 4.85 -2.09
CA ALA B 52 27.91 3.65 -1.54
C ALA B 52 28.90 2.50 -1.49
N GLY B 53 29.89 2.50 -2.40
CA GLY B 53 30.95 1.49 -2.34
C GLY B 53 30.82 0.34 -3.34
N ARG B 54 29.98 0.51 -4.39
CA ARG B 54 29.81 -0.53 -5.41
C ARG B 54 31.05 -0.63 -6.28
N PRO B 55 31.41 -1.79 -6.89
CA PRO B 55 30.67 -3.04 -6.74
C PRO B 55 30.98 -3.72 -5.40
N THR B 56 29.99 -4.50 -4.94
CA THR B 56 30.13 -5.24 -3.69
C THR B 56 30.79 -6.58 -3.99
N ALA B 57 31.49 -7.10 -2.98
CA ALA B 57 32.19 -8.37 -3.10
C ALA B 57 31.21 -9.51 -3.37
N LEU B 58 31.74 -10.57 -3.98
CA LEU B 58 31.06 -11.85 -4.03
C LEU B 58 31.97 -12.83 -3.31
N THR B 59 31.51 -13.32 -2.16
CA THR B 59 32.35 -14.08 -1.25
C THR B 59 32.04 -15.56 -1.42
N LYS B 60 33.09 -16.38 -1.60
CA LYS B 60 32.89 -17.83 -1.63
C LYS B 60 32.95 -18.33 -0.19
N CYS B 61 31.91 -19.05 0.26
N CYS B 61 31.83 -18.95 0.22
CA CYS B 61 31.89 -19.47 1.65
CA CYS B 61 31.85 -19.73 1.42
C CYS B 61 32.24 -20.96 1.72
C CYS B 61 32.85 -20.85 1.19
N GLN B 62 33.41 -21.27 2.28
CA GLN B 62 34.02 -22.59 2.16
C GLN B 62 33.59 -23.45 3.33
N ASN B 63 33.64 -22.86 4.53
CA ASN B 63 33.42 -23.67 5.71
C ASN B 63 32.02 -24.27 5.68
N ILE B 64 31.01 -23.48 5.30
CA ILE B 64 29.67 -23.93 5.61
C ILE B 64 29.19 -24.98 4.59
N THR B 65 29.93 -25.17 3.49
CA THR B 65 29.56 -26.19 2.51
C THR B 65 30.50 -27.39 2.55
N ALA B 66 31.44 -27.41 3.50
CA ALA B 66 32.40 -28.51 3.58
C ALA B 66 31.68 -29.86 3.60
N GLY B 67 32.20 -30.82 2.82
CA GLY B 67 31.69 -32.19 2.82
C GLY B 67 30.51 -32.39 1.86
N THR B 68 30.19 -31.36 1.07
CA THR B 68 29.08 -31.43 0.12
C THR B 68 29.57 -31.01 -1.26
N ARG B 69 28.72 -31.17 -2.27
CA ARG B 69 29.11 -30.75 -3.61
C ARG B 69 28.44 -29.41 -3.94
N THR B 70 28.04 -28.67 -2.92
CA THR B 70 27.53 -27.31 -3.11
C THR B 70 28.69 -26.32 -3.06
N THR B 71 28.78 -25.43 -4.05
CA THR B 71 29.65 -24.26 -3.96
C THR B 71 28.71 -23.08 -3.74
N LEU B 72 28.95 -22.32 -2.67
CA LEU B 72 28.04 -21.24 -2.29
C LEU B 72 28.79 -19.91 -2.24
N TYR B 73 28.26 -18.93 -3.00
CA TYR B 73 28.78 -17.57 -2.94
C TYR B 73 27.72 -16.67 -2.32
N LEU B 74 28.17 -15.66 -1.58
CA LEU B 74 27.29 -14.65 -1.03
C LEU B 74 27.57 -13.31 -1.72
N LYS B 75 26.51 -12.73 -2.29
CA LYS B 75 26.63 -11.37 -2.83
C LYS B 75 26.50 -10.39 -1.67
N ARG B 76 27.55 -9.57 -1.46
CA ARG B 76 27.75 -8.90 -0.19
C ARG B 76 27.10 -7.53 -0.14
N GLU B 77 25.78 -7.48 -0.24
CA GLU B 77 25.09 -6.20 -0.12
C GLU B 77 25.19 -5.68 1.31
N ASP B 78 25.57 -6.56 2.24
CA ASP B 78 25.82 -6.17 3.63
C ASP B 78 26.98 -5.19 3.74
N LEU B 79 27.84 -5.08 2.71
CA LEU B 79 28.98 -4.17 2.76
C LEU B 79 28.65 -2.80 2.15
N LEU B 80 27.46 -2.67 1.57
CA LEU B 80 27.09 -1.38 0.98
C LEU B 80 26.93 -0.36 2.11
N HIS B 81 27.25 0.92 1.82
CA HIS B 81 27.02 1.96 2.80
C HIS B 81 25.57 1.93 3.26
N GLY B 82 25.37 2.00 4.58
CA GLY B 82 24.05 1.87 5.18
C GLY B 82 23.81 0.46 5.70
N GLY B 83 24.46 -0.52 5.06
CA GLY B 83 24.44 -1.87 5.60
C GLY B 83 23.41 -2.78 4.96
N ALA B 84 22.77 -2.32 3.87
CA ALA B 84 21.82 -3.17 3.16
C ALA B 84 21.67 -2.69 1.72
N HIS B 85 21.14 -3.57 0.87
CA HIS B 85 20.89 -3.31 -0.54
C HIS B 85 19.97 -2.09 -0.72
N LYS B 86 19.21 -1.74 0.32
CA LYS B 86 18.21 -0.67 0.23
C LYS B 86 18.83 0.62 -0.30
N THR B 87 20.12 0.81 -0.06
CA THR B 87 20.82 2.03 -0.42
C THR B 87 20.81 2.26 -1.93
N ASN B 88 20.92 1.18 -2.73
CA ASN B 88 21.09 1.32 -4.17
C ASN B 88 19.96 2.17 -4.76
N GLN B 89 18.72 1.74 -4.54
CA GLN B 89 17.58 2.35 -5.24
C GLN B 89 17.20 3.68 -4.62
N VAL B 90 17.50 3.85 -3.32
CA VAL B 90 17.26 5.11 -2.65
C VAL B 90 18.07 6.22 -3.32
N LEU B 91 19.33 5.93 -3.69
CA LEU B 91 20.14 6.93 -4.38
C LEU B 91 19.49 7.35 -5.70
N GLY B 92 19.02 6.37 -6.49
CA GLY B 92 18.32 6.65 -7.73
C GLY B 92 17.01 7.41 -7.52
N GLN B 93 16.21 6.99 -6.53
CA GLN B 93 14.94 7.68 -6.30
C GLN B 93 15.17 9.09 -5.73
N ALA B 94 16.22 9.27 -4.92
CA ALA B 94 16.50 10.61 -4.40
C ALA B 94 16.84 11.54 -5.57
N LEU B 95 17.60 11.01 -6.55
CA LEU B 95 17.93 11.81 -7.72
C LEU B 95 16.67 12.11 -8.53
N LEU B 96 15.72 11.16 -8.62
CA LEU B 96 14.45 11.44 -9.28
C LEU B 96 13.68 12.52 -8.52
N ALA B 97 13.67 12.45 -7.18
CA ALA B 97 12.96 13.45 -6.39
C ALA B 97 13.48 14.85 -6.72
N LYS B 98 14.81 14.98 -6.79
CA LYS B 98 15.45 16.25 -7.11
C LYS B 98 15.08 16.68 -8.53
N ARG B 99 15.10 15.71 -9.45
CA ARG B 99 14.75 15.97 -10.85
C ARG B 99 13.33 16.54 -10.95
N MET B 100 12.46 16.12 -10.04
CA MET B 100 11.06 16.54 -10.08
C MET B 100 10.82 17.78 -9.22
N GLY B 101 11.87 18.31 -8.58
CA GLY B 101 11.74 19.54 -7.82
C GLY B 101 11.11 19.32 -6.44
N LYS B 102 11.17 18.08 -5.94
CA LYS B 102 10.62 17.81 -4.61
C LYS B 102 11.69 18.16 -3.60
N SER B 103 11.28 18.67 -2.44
CA SER B 103 12.24 19.06 -1.41
C SER B 103 12.12 18.17 -0.18
N GLU B 104 11.11 17.29 -0.17
CA GLU B 104 10.83 16.46 1.00
C GLU B 104 10.72 15.01 0.55
N ILE B 105 11.05 14.09 1.47
CA ILE B 105 10.96 12.66 1.24
C ILE B 105 10.08 12.05 2.33
N ILE B 106 9.15 11.17 1.94
CA ILE B 106 8.42 10.32 2.85
C ILE B 106 8.90 8.89 2.61
N ALA B 107 9.21 8.16 3.68
CA ALA B 107 9.50 6.73 3.54
C ALA B 107 8.89 5.92 4.68
N GLU B 108 8.46 4.69 4.37
CA GLU B 108 8.19 3.68 5.39
C GLU B 108 9.45 2.87 5.68
N THR B 109 9.50 2.26 6.86
CA THR B 109 10.54 1.28 7.14
C THR B 109 10.02 0.24 8.12
N GLY B 110 10.58 -0.97 8.04
CA GLY B 110 10.29 -2.01 9.02
C GLY B 110 11.56 -2.40 9.74
N ALA B 111 12.51 -2.92 8.96
CA ALA B 111 13.82 -3.27 9.47
C ALA B 111 14.62 -2.02 9.84
N GLY B 112 14.15 -0.83 9.42
CA GLY B 112 14.92 0.40 9.61
C GLY B 112 16.01 0.57 8.56
N ALA B 113 16.30 -0.46 7.74
CA ALA B 113 17.33 -0.33 6.73
C ALA B 113 16.93 0.67 5.65
N HIS B 114 15.68 0.59 5.19
CA HIS B 114 15.20 1.55 4.21
C HIS B 114 15.12 2.95 4.81
N GLY B 115 14.70 3.04 6.08
CA GLY B 115 14.66 4.31 6.78
C GLY B 115 16.03 4.97 6.83
N VAL B 116 17.05 4.20 7.23
CA VAL B 116 18.42 4.66 7.30
C VAL B 116 18.91 5.09 5.92
N ALA B 117 18.61 4.28 4.88
CA ALA B 117 19.04 4.59 3.53
C ALA B 117 18.39 5.90 3.07
N SER B 118 17.09 6.02 3.34
CA SER B 118 16.36 7.24 2.97
C SER B 118 16.95 8.45 3.70
N ALA B 119 17.26 8.29 5.00
CA ALA B 119 17.80 9.40 5.77
C ALA B 119 19.18 9.80 5.26
N LEU B 120 20.05 8.81 4.99
CA LEU B 120 21.41 9.15 4.57
C LEU B 120 21.39 9.83 3.20
N ALA B 121 20.53 9.37 2.27
CA ALA B 121 20.48 9.94 0.93
C ALA B 121 19.93 11.36 1.01
N SER B 122 18.98 11.56 1.91
CA SER B 122 18.36 12.88 2.08
C SER B 122 19.37 13.86 2.69
N ALA B 123 20.20 13.39 3.63
CA ALA B 123 21.23 14.24 4.24
C ALA B 123 22.23 14.67 3.16
N LEU B 124 22.65 13.72 2.31
CA LEU B 124 23.65 13.97 1.29
C LEU B 124 23.11 14.93 0.25
N LEU B 125 21.85 14.71 -0.17
CA LEU B 125 21.36 15.37 -1.36
C LEU B 125 20.44 16.55 -1.06
N GLY B 126 20.22 16.87 0.22
CA GLY B 126 19.52 18.10 0.55
C GLY B 126 18.00 18.00 0.50
N LEU B 127 17.46 16.90 1.05
CA LEU B 127 16.03 16.67 1.15
C LEU B 127 15.66 16.53 2.63
N LYS B 128 14.44 16.98 2.98
CA LYS B 128 13.90 16.87 4.32
C LYS B 128 13.07 15.59 4.45
N CYS B 129 13.55 14.66 5.28
CA CYS B 129 13.10 13.28 5.26
C CYS B 129 12.29 12.96 6.52
N ARG B 130 11.09 12.37 6.32
CA ARG B 130 10.26 11.88 7.42
C ARG B 130 9.98 10.41 7.18
N ILE B 131 10.14 9.59 8.24
N ILE B 131 10.09 9.59 8.25
CA ILE B 131 10.05 8.14 8.15
CA ILE B 131 10.04 8.14 8.13
C ILE B 131 8.90 7.67 9.05
C ILE B 131 8.98 7.57 9.08
N TYR B 132 8.07 6.77 8.52
CA TYR B 132 7.05 6.08 9.30
C TYR B 132 7.56 4.69 9.63
N MET B 133 7.48 4.33 10.93
CA MET B 133 7.98 3.04 11.39
C MET B 133 7.01 2.53 12.46
N GLY B 134 6.54 1.29 12.27
CA GLY B 134 5.71 0.65 13.28
C GLY B 134 6.41 0.63 14.64
N ALA B 135 5.65 0.95 15.69
CA ALA B 135 6.15 0.93 17.08
C ALA B 135 6.77 -0.44 17.45
N LYS B 136 6.24 -1.57 17.00
CA LYS B 136 6.88 -2.87 17.34
C LYS B 136 8.29 -2.89 16.74
N ASP B 137 8.42 -2.44 15.49
CA ASP B 137 9.69 -2.43 14.72
C ASP B 137 10.66 -1.42 15.31
N VAL B 138 10.14 -0.31 15.87
CA VAL B 138 10.96 0.67 16.55
C VAL B 138 11.82 -0.04 17.61
N GLU B 139 11.21 -0.99 18.33
CA GLU B 139 11.88 -1.66 19.45
C GLU B 139 12.85 -2.72 18.94
N ARG B 140 12.36 -3.61 18.06
CA ARG B 140 13.12 -4.80 17.65
C ARG B 140 14.23 -4.46 16.65
N GLN B 141 14.22 -3.23 16.09
CA GLN B 141 15.26 -2.80 15.17
C GLN B 141 15.79 -1.42 15.60
N SER B 142 15.85 -1.18 16.92
CA SER B 142 16.14 0.15 17.46
C SER B 142 17.47 0.75 16.96
N PRO B 143 18.58 -0.01 16.79
CA PRO B 143 19.82 0.58 16.31
C PRO B 143 19.56 1.52 15.13
N ASN B 144 18.64 1.11 14.25
CA ASN B 144 18.29 1.87 13.06
C ASN B 144 17.58 3.19 13.39
N VAL B 145 16.79 3.25 14.49
CA VAL B 145 16.09 4.48 14.83
C VAL B 145 17.09 5.57 15.23
N PHE B 146 18.08 5.17 16.03
CA PHE B 146 19.19 6.02 16.42
C PHE B 146 19.84 6.62 15.17
N ARG B 147 20.20 5.74 14.22
CA ARG B 147 20.93 6.13 13.03
C ARG B 147 20.12 7.19 12.25
N MET B 148 18.83 6.94 12.04
CA MET B 148 17.99 7.84 11.27
C MET B 148 17.92 9.23 11.89
N ARG B 149 17.72 9.29 13.21
CA ARG B 149 17.61 10.56 13.92
C ARG B 149 18.92 11.34 13.89
N LEU B 150 20.07 10.66 13.98
CA LEU B 150 21.36 11.35 13.94
C LEU B 150 21.55 12.04 12.59
N MET B 151 20.97 11.49 11.53
CA MET B 151 21.13 12.03 10.19
C MET B 151 20.05 13.07 9.86
N GLY B 152 19.28 13.47 10.87
CA GLY B 152 18.38 14.61 10.74
C GLY B 152 16.99 14.25 10.20
N ALA B 153 16.69 12.96 10.05
CA ALA B 153 15.38 12.53 9.59
C ALA B 153 14.40 12.55 10.76
N GLU B 154 13.13 12.87 10.47
CA GLU B 154 12.05 12.75 11.44
C GLU B 154 11.54 11.31 11.41
N VAL B 155 11.46 10.66 12.59
CA VAL B 155 10.99 9.29 12.68
C VAL B 155 9.66 9.31 13.44
N ILE B 156 8.61 8.79 12.78
CA ILE B 156 7.25 8.85 13.30
C ILE B 156 6.78 7.44 13.64
N PRO B 157 6.67 7.09 14.94
CA PRO B 157 6.15 5.79 15.35
C PRO B 157 4.69 5.64 14.93
N VAL B 158 4.35 4.43 14.45
CA VAL B 158 2.98 4.12 14.06
C VAL B 158 2.46 3.05 15.01
N HIS B 159 1.39 3.38 15.75
CA HIS B 159 0.82 2.50 16.76
C HIS B 159 -0.38 1.72 16.22
N SER B 160 -0.84 2.07 15.02
CA SER B 160 -2.06 1.49 14.45
C SER B 160 -1.82 0.06 14.00
N GLY B 161 -2.91 -0.71 13.94
CA GLY B 161 -2.89 -2.08 13.44
C GLY B 161 -1.91 -2.96 14.22
N SER B 162 -0.99 -3.61 13.49
CA SER B 162 0.02 -4.47 14.08
C SER B 162 1.22 -3.67 14.58
N ALA B 163 1.25 -2.36 14.30
CA ALA B 163 2.36 -1.50 14.65
C ALA B 163 3.66 -2.01 14.01
N THR B 164 3.55 -2.52 12.77
CA THR B 164 4.68 -3.03 12.03
C THR B 164 4.67 -2.42 10.63
N LEU B 165 5.39 -3.06 9.70
CA LEU B 165 5.66 -2.49 8.38
C LEU B 165 4.39 -2.10 7.62
N LYS B 166 3.39 -2.99 7.57
N LYS B 166 3.40 -2.99 7.61
CA LYS B 166 2.14 -2.72 6.87
CA LYS B 166 2.14 -2.77 6.91
C LYS B 166 1.60 -1.36 7.30
C LYS B 166 1.53 -1.43 7.31
N ASP B 167 1.59 -1.15 8.63
CA ASP B 167 0.97 0.03 9.22
C ASP B 167 1.76 1.28 8.84
N ALA B 168 3.10 1.15 8.80
CA ALA B 168 3.96 2.23 8.36
C ALA B 168 3.69 2.57 6.90
N CYS B 169 3.52 1.54 6.05
CA CYS B 169 3.19 1.75 4.64
C CYS B 169 1.91 2.56 4.50
N ASN B 170 0.90 2.17 5.28
CA ASN B 170 -0.40 2.81 5.25
C ASN B 170 -0.22 4.30 5.53
N GLU B 171 0.52 4.61 6.60
CA GLU B 171 0.67 6.00 7.02
C GLU B 171 1.44 6.82 5.98
N ALA B 172 2.50 6.24 5.41
CA ALA B 172 3.29 6.89 4.37
C ALA B 172 2.41 7.28 3.18
N LEU B 173 1.53 6.36 2.76
CA LEU B 173 0.65 6.59 1.63
C LEU B 173 -0.38 7.66 1.96
N ARG B 174 -0.96 7.59 3.16
CA ARG B 174 -1.90 8.61 3.60
C ARG B 174 -1.24 9.98 3.54
N ASP B 175 -0.02 10.07 4.07
CA ASP B 175 0.73 11.32 4.09
C ASP B 175 0.94 11.82 2.66
N TRP B 176 1.41 10.95 1.76
CA TRP B 176 1.76 11.35 0.41
C TRP B 176 0.53 11.91 -0.30
N SER B 177 -0.64 11.31 -0.01
CA SER B 177 -1.85 11.73 -0.69
C SER B 177 -2.19 13.19 -0.37
N GLY B 178 -1.61 13.76 0.68
CA GLY B 178 -1.85 15.16 1.01
C GLY B 178 -0.60 16.04 0.93
N SER B 179 0.52 15.52 0.40
CA SER B 179 1.76 16.30 0.38
C SER B 179 2.57 16.12 -0.90
N TYR B 180 2.00 15.44 -1.90
CA TYR B 180 2.73 15.00 -3.09
C TYR B 180 3.29 16.18 -3.89
N GLU B 181 2.76 17.40 -3.72
CA GLU B 181 3.30 18.51 -4.50
C GLU B 181 4.73 18.82 -4.06
N THR B 182 5.02 18.59 -2.78
CA THR B 182 6.33 18.95 -2.24
C THR B 182 7.14 17.72 -1.83
N ALA B 183 6.46 16.60 -1.55
CA ALA B 183 7.14 15.43 -1.03
C ALA B 183 7.13 14.30 -2.06
N HIS B 184 8.29 13.63 -2.20
CA HIS B 184 8.35 12.41 -2.98
C HIS B 184 8.22 11.22 -2.03
N TYR B 185 7.37 10.24 -2.40
CA TYR B 185 7.26 9.01 -1.63
C TYR B 185 8.36 8.04 -2.07
N MET B 186 9.36 7.88 -1.21
CA MET B 186 10.47 6.98 -1.52
C MET B 186 10.12 5.58 -1.02
N LEU B 187 9.28 4.89 -1.78
CA LEU B 187 8.81 3.55 -1.47
C LEU B 187 10.02 2.61 -1.43
N GLY B 188 10.03 1.73 -0.43
CA GLY B 188 11.27 1.01 -0.11
C GLY B 188 11.36 -0.40 -0.69
N THR B 189 10.42 -0.81 -1.57
CA THR B 189 10.46 -2.16 -2.11
C THR B 189 9.88 -2.19 -3.53
N ALA B 190 10.04 -3.31 -4.23
CA ALA B 190 9.54 -3.50 -5.58
C ALA B 190 8.05 -3.88 -5.56
N ALA B 191 7.23 -3.02 -4.94
CA ALA B 191 5.80 -3.28 -4.79
C ALA B 191 5.11 -1.91 -4.81
N GLY B 192 3.80 -1.93 -4.53
CA GLY B 192 3.04 -0.70 -4.58
C GLY B 192 2.57 -0.42 -6.01
N PRO B 193 2.01 0.77 -6.25
CA PRO B 193 1.48 1.07 -7.58
C PRO B 193 2.61 1.32 -8.58
N HIS B 194 2.33 0.99 -9.86
CA HIS B 194 3.21 1.41 -10.93
C HIS B 194 3.40 2.92 -10.81
N PRO B 195 4.62 3.47 -11.03
CA PRO B 195 5.77 2.72 -11.57
C PRO B 195 6.78 2.14 -10.60
N TYR B 196 6.44 2.06 -9.30
CA TYR B 196 7.41 1.66 -8.30
C TYR B 196 8.01 0.26 -8.56
N PRO B 197 7.24 -0.81 -8.84
CA PRO B 197 7.89 -2.12 -9.06
C PRO B 197 8.92 -2.09 -10.19
N THR B 198 8.66 -1.28 -11.23
CA THR B 198 9.56 -1.15 -12.36
C THR B 198 10.80 -0.35 -11.97
N ILE B 199 10.60 0.82 -11.36
CA ILE B 199 11.71 1.68 -10.96
C ILE B 199 12.62 0.94 -9.99
N VAL B 200 12.02 0.32 -8.97
CA VAL B 200 12.82 -0.31 -7.93
C VAL B 200 13.68 -1.43 -8.52
N ARG B 201 13.12 -2.21 -9.44
CA ARG B 201 13.88 -3.25 -10.13
C ARG B 201 15.06 -2.64 -10.89
N GLU B 202 14.79 -1.58 -11.67
CA GLU B 202 15.81 -1.03 -12.54
C GLU B 202 16.93 -0.40 -11.71
N PHE B 203 16.60 0.07 -10.49
CA PHE B 203 17.57 0.74 -9.64
C PHE B 203 18.22 -0.26 -8.68
N GLN B 204 17.84 -1.53 -8.79
CA GLN B 204 18.47 -2.59 -8.00
C GLN B 204 19.18 -3.60 -8.90
N ARG B 205 19.06 -3.47 -10.22
CA ARG B 205 19.46 -4.58 -11.11
C ARG B 205 20.97 -4.76 -11.16
N MET B 206 21.74 -3.77 -10.66
CA MET B 206 23.19 -3.90 -10.64
C MET B 206 23.61 -5.09 -9.77
N ILE B 207 22.76 -5.48 -8.80
CA ILE B 207 23.09 -6.62 -7.95
C ILE B 207 23.34 -7.86 -8.82
N GLY B 208 22.35 -8.22 -9.65
CA GLY B 208 22.43 -9.37 -10.52
C GLY B 208 23.49 -9.20 -11.61
N GLU B 209 23.62 -7.99 -12.16
CA GLU B 209 24.60 -7.71 -13.21
C GLU B 209 26.00 -8.01 -12.69
N GLU B 210 26.30 -7.50 -11.49
CA GLU B 210 27.61 -7.68 -10.91
C GLU B 210 27.82 -9.15 -10.61
N THR B 211 26.81 -9.77 -9.97
CA THR B 211 26.84 -11.19 -9.64
C THR B 211 27.21 -12.02 -10.87
N LYS B 212 26.52 -11.77 -11.99
CA LYS B 212 26.76 -12.51 -13.21
C LYS B 212 28.23 -12.38 -13.64
N ALA B 213 28.74 -11.15 -13.68
CA ALA B 213 30.11 -10.89 -14.09
C ALA B 213 31.09 -11.57 -13.15
N GLN B 214 30.79 -11.52 -11.85
CA GLN B 214 31.69 -12.05 -10.83
C GLN B 214 31.73 -13.58 -10.90
N ILE B 215 30.59 -14.21 -11.09
N ILE B 215 30.56 -14.20 -11.03
CA ILE B 215 30.55 -15.66 -11.14
CA ILE B 215 30.46 -15.65 -11.13
C ILE B 215 31.14 -16.17 -12.46
C ILE B 215 31.17 -16.13 -12.40
N LEU B 216 31.02 -15.36 -13.53
N LEU B 216 30.99 -15.43 -13.52
CA LEU B 216 31.64 -15.74 -14.79
CA LEU B 216 31.66 -15.82 -14.75
C LEU B 216 33.16 -15.71 -14.64
C LEU B 216 33.17 -15.76 -14.57
N ASP B 217 33.66 -14.69 -13.94
CA ASP B 217 35.09 -14.50 -13.74
C ASP B 217 35.66 -15.64 -12.90
N LYS B 218 34.91 -16.04 -11.86
CA LYS B 218 35.44 -16.94 -10.86
C LYS B 218 35.21 -18.40 -11.25
N GLU B 219 34.10 -18.67 -11.95
CA GLU B 219 33.64 -20.03 -12.17
C GLU B 219 33.53 -20.37 -13.66
N GLY B 220 33.57 -19.35 -14.53
CA GLY B 220 33.50 -19.52 -15.99
C GLY B 220 32.15 -19.98 -16.49
N ARG B 221 31.10 -19.79 -15.69
CA ARG B 221 29.75 -20.22 -16.07
C ARG B 221 28.72 -19.51 -15.19
N LEU B 222 27.46 -19.65 -15.53
CA LEU B 222 26.39 -19.03 -14.70
C LEU B 222 26.10 -19.90 -13.50
N PRO B 223 25.49 -19.35 -12.45
CA PRO B 223 25.06 -20.15 -11.29
C PRO B 223 23.93 -21.09 -11.68
N ASP B 224 23.83 -22.21 -10.94
CA ASP B 224 22.68 -23.08 -11.06
C ASP B 224 21.43 -22.40 -10.52
N ALA B 225 21.56 -21.65 -9.43
CA ALA B 225 20.45 -20.88 -8.88
C ALA B 225 20.96 -19.68 -8.10
N VAL B 226 20.14 -18.61 -8.11
CA VAL B 226 20.33 -17.47 -7.24
C VAL B 226 19.14 -17.42 -6.28
N ILE B 227 19.41 -17.07 -5.02
CA ILE B 227 18.45 -17.24 -3.93
C ILE B 227 18.37 -15.95 -3.13
N ALA B 228 17.15 -15.42 -2.90
CA ALA B 228 17.00 -14.17 -2.16
C ALA B 228 15.74 -14.20 -1.32
N CYS B 229 15.76 -13.53 -0.15
CA CYS B 229 14.56 -13.39 0.65
C CYS B 229 13.61 -12.40 -0.03
N VAL B 230 12.32 -12.56 0.29
CA VAL B 230 11.27 -11.71 -0.31
C VAL B 230 10.41 -11.16 0.82
N GLY B 231 10.56 -9.84 1.02
CA GLY B 231 9.73 -9.07 1.93
C GLY B 231 8.65 -8.34 1.14
N GLY B 232 9.10 -7.38 0.33
CA GLY B 232 8.26 -6.82 -0.72
C GLY B 232 8.78 -7.17 -2.11
N GLY B 233 10.08 -7.51 -2.23
CA GLY B 233 10.59 -8.01 -3.50
C GLY B 233 11.82 -7.32 -4.07
N SER B 234 12.39 -6.31 -3.40
CA SER B 234 13.41 -5.50 -4.07
C SER B 234 14.77 -6.20 -4.18
N ASN B 235 15.27 -6.77 -3.09
CA ASN B 235 16.59 -7.38 -3.20
C ASN B 235 16.53 -8.58 -4.14
N ALA B 236 15.43 -9.33 -4.09
CA ALA B 236 15.27 -10.51 -4.95
C ALA B 236 15.16 -10.10 -6.42
N ILE B 237 14.34 -9.09 -6.74
CA ILE B 237 14.23 -8.74 -8.15
C ILE B 237 15.54 -8.11 -8.64
N GLY B 238 16.27 -7.43 -7.75
CA GLY B 238 17.57 -6.86 -8.10
C GLY B 238 18.59 -7.94 -8.47
N MET B 239 18.54 -9.05 -7.73
CA MET B 239 19.38 -10.20 -8.03
C MET B 239 18.90 -10.94 -9.29
N PHE B 240 17.58 -11.12 -9.45
CA PHE B 240 17.00 -11.95 -10.49
C PHE B 240 17.10 -11.30 -11.87
N ALA B 241 16.92 -9.97 -11.94
CA ALA B 241 16.54 -9.32 -13.19
C ALA B 241 17.46 -9.73 -14.34
N ASP B 242 18.78 -9.64 -14.13
CA ASP B 242 19.73 -9.84 -15.22
C ASP B 242 19.84 -11.33 -15.61
N PHE B 243 19.25 -12.23 -14.79
CA PHE B 243 19.28 -13.66 -15.07
C PHE B 243 17.97 -14.16 -15.67
N ILE B 244 16.93 -13.33 -15.74
CA ILE B 244 15.62 -13.81 -16.18
C ILE B 244 15.73 -14.49 -17.54
N ASN B 245 16.50 -13.92 -18.46
CA ASN B 245 16.59 -14.48 -19.82
C ASN B 245 17.59 -15.64 -19.90
N ASP B 246 18.31 -15.92 -18.81
CA ASP B 246 19.20 -17.08 -18.80
C ASP B 246 18.42 -18.24 -18.20
N THR B 247 17.76 -19.02 -19.07
CA THR B 247 16.72 -19.94 -18.63
C THR B 247 17.24 -21.08 -17.77
N SER B 248 18.56 -21.34 -17.81
CA SER B 248 19.17 -22.41 -17.02
C SER B 248 19.31 -22.01 -15.56
N VAL B 249 19.20 -20.70 -15.26
CA VAL B 249 19.48 -20.20 -13.93
C VAL B 249 18.21 -20.19 -13.11
N GLY B 250 18.20 -20.99 -12.05
CA GLY B 250 17.11 -20.99 -11.08
C GLY B 250 16.99 -19.66 -10.36
N LEU B 251 15.75 -19.16 -10.22
CA LEU B 251 15.49 -17.97 -9.43
C LEU B 251 14.63 -18.40 -8.25
N ILE B 252 15.18 -18.33 -7.02
CA ILE B 252 14.48 -18.82 -5.86
C ILE B 252 14.27 -17.70 -4.85
N GLY B 253 13.00 -17.39 -4.59
CA GLY B 253 12.68 -16.41 -3.58
C GLY B 253 12.14 -17.06 -2.31
N VAL B 254 12.56 -16.51 -1.17
CA VAL B 254 12.26 -17.09 0.12
C VAL B 254 11.40 -16.14 0.94
N GLU B 255 10.15 -16.55 1.13
CA GLU B 255 9.23 -15.81 1.98
C GLU B 255 9.40 -16.26 3.42
N PRO B 256 9.09 -15.40 4.42
CA PRO B 256 9.10 -15.81 5.83
C PRO B 256 7.97 -16.76 6.21
N GLY B 257 8.35 -17.90 6.82
CA GLY B 257 7.35 -18.84 7.28
C GLY B 257 6.97 -18.58 8.73
N GLY B 258 7.61 -17.60 9.36
CA GLY B 258 7.21 -17.21 10.71
C GLY B 258 7.25 -18.38 11.69
N HIS B 259 6.13 -18.57 12.42
CA HIS B 259 6.02 -19.67 13.37
C HIS B 259 5.68 -20.98 12.68
N GLY B 260 5.60 -20.95 11.34
CA GLY B 260 5.18 -22.09 10.54
C GLY B 260 3.92 -21.74 9.75
N ILE B 261 3.89 -22.13 8.46
CA ILE B 261 2.78 -21.78 7.59
C ILE B 261 1.45 -22.21 8.21
N GLU B 262 1.42 -23.40 8.81
CA GLU B 262 0.19 -23.96 9.36
C GLU B 262 -0.38 -23.15 10.53
N THR B 263 0.44 -22.30 11.19
CA THR B 263 -0.03 -21.48 12.30
C THR B 263 -0.76 -20.24 11.82
N GLY B 264 -0.56 -19.89 10.54
CA GLY B 264 -1.14 -18.67 9.99
C GLY B 264 -0.31 -17.43 10.35
N GLU B 265 0.74 -17.64 11.15
CA GLU B 265 1.61 -16.55 11.58
C GLU B 265 2.88 -16.60 10.74
N HIS B 266 2.82 -15.97 9.57
CA HIS B 266 3.88 -15.98 8.58
C HIS B 266 3.75 -14.73 7.73
N GLY B 267 4.62 -14.62 6.71
CA GLY B 267 4.54 -13.53 5.75
C GLY B 267 4.73 -14.07 4.35
N ALA B 268 3.97 -15.12 4.01
CA ALA B 268 4.20 -15.85 2.77
C ALA B 268 2.95 -15.79 1.88
N PRO B 269 2.51 -14.58 1.47
CA PRO B 269 1.31 -14.48 0.64
C PRO B 269 1.46 -15.06 -0.78
N LEU B 270 2.68 -15.01 -1.34
CA LEU B 270 2.86 -15.44 -2.71
C LEU B 270 2.48 -16.92 -2.83
N LYS B 271 2.84 -17.71 -1.82
CA LYS B 271 2.56 -19.14 -1.90
C LYS B 271 1.36 -19.56 -1.05
N HIS B 272 0.91 -18.71 -0.11
CA HIS B 272 -0.09 -19.12 0.86
C HIS B 272 -1.19 -18.07 1.03
N GLY B 273 -1.16 -17.04 0.19
CA GLY B 273 -2.21 -16.03 0.20
C GLY B 273 -3.13 -16.20 -1.00
N ARG B 274 -3.78 -15.12 -1.40
CA ARG B 274 -4.49 -15.12 -2.66
C ARG B 274 -4.61 -13.69 -3.18
N VAL B 275 -4.76 -13.61 -4.49
CA VAL B 275 -4.70 -12.31 -5.17
C VAL B 275 -5.76 -11.39 -4.58
N GLY B 276 -5.36 -10.13 -4.35
CA GLY B 276 -6.24 -9.09 -3.83
C GLY B 276 -5.74 -7.73 -4.28
N ILE B 277 -6.38 -6.65 -3.81
CA ILE B 277 -5.97 -5.30 -4.17
C ILE B 277 -5.76 -4.51 -2.90
N TYR B 278 -4.53 -4.04 -2.70
CA TYR B 278 -4.13 -3.29 -1.52
C TYR B 278 -2.76 -2.71 -1.78
N PHE B 279 -2.45 -1.60 -1.08
CA PHE B 279 -1.18 -0.91 -1.23
C PHE B 279 -0.92 -0.56 -2.70
N GLY B 280 -1.97 -0.18 -3.44
CA GLY B 280 -1.78 0.35 -4.79
C GLY B 280 -1.63 -0.71 -5.88
N MET B 281 -1.77 -2.00 -5.52
CA MET B 281 -1.44 -3.04 -6.49
C MET B 281 -2.40 -4.22 -6.35
N LYS B 282 -2.56 -4.94 -7.47
CA LYS B 282 -3.19 -6.25 -7.49
C LYS B 282 -2.07 -7.28 -7.38
N ALA B 283 -2.12 -8.04 -6.30
CA ALA B 283 -0.98 -8.87 -5.93
C ALA B 283 -1.46 -9.89 -4.90
N PRO B 284 -0.71 -11.00 -4.68
CA PRO B 284 -1.10 -11.92 -3.62
C PRO B 284 -1.06 -11.20 -2.29
N MET B 285 -2.07 -11.49 -1.46
N MET B 285 -2.06 -11.44 -1.45
CA MET B 285 -2.34 -10.91 -0.15
CA MET B 285 -1.97 -10.94 -0.10
C MET B 285 -2.59 -12.03 0.86
C MET B 285 -2.61 -11.91 0.88
N MET B 286 -2.13 -11.83 2.11
CA MET B 286 -2.73 -12.51 3.24
C MET B 286 -4.02 -11.77 3.56
N GLN B 287 -5.14 -12.47 3.41
CA GLN B 287 -6.45 -11.85 3.62
C GLN B 287 -7.42 -12.86 4.23
N THR B 288 -8.41 -12.34 4.96
CA THR B 288 -9.49 -13.14 5.49
C THR B 288 -10.42 -13.59 4.35
N ALA B 289 -11.30 -14.54 4.68
CA ALA B 289 -12.30 -15.06 3.75
C ALA B 289 -13.11 -13.89 3.18
N ASP B 290 -13.32 -12.86 4.02
CA ASP B 290 -14.15 -11.69 3.75
C ASP B 290 -13.43 -10.61 2.94
N GLY B 291 -12.11 -10.76 2.77
CA GLY B 291 -11.36 -9.79 2.00
C GLY B 291 -10.75 -8.67 2.84
N GLN B 292 -10.64 -8.89 4.16
CA GLN B 292 -9.89 -7.97 4.98
C GLN B 292 -8.42 -8.37 4.90
N ILE B 293 -7.53 -7.37 4.85
CA ILE B 293 -6.10 -7.65 4.83
C ILE B 293 -5.67 -8.13 6.21
N GLU B 294 -4.92 -9.23 6.21
N GLU B 294 -4.95 -9.27 6.24
CA GLU B 294 -4.46 -9.79 7.45
CA GLU B 294 -4.51 -9.90 7.47
C GLU B 294 -3.22 -9.04 7.92
C GLU B 294 -3.12 -9.40 7.86
N GLU B 295 -2.86 -9.33 9.17
CA GLU B 295 -1.55 -9.00 9.68
C GLU B 295 -0.62 -10.18 9.43
N SER B 296 0.58 -9.86 8.96
CA SER B 296 1.65 -10.83 8.78
C SER B 296 2.40 -11.03 10.10
N TYR B 297 3.34 -11.98 10.08
CA TYR B 297 4.27 -12.16 11.17
C TYR B 297 5.57 -12.74 10.63
N SER B 298 6.71 -12.21 11.12
CA SER B 298 8.02 -12.82 10.98
C SER B 298 8.89 -12.35 12.13
N ILE B 299 9.85 -13.19 12.56
CA ILE B 299 10.87 -12.73 13.48
C ILE B 299 11.60 -11.54 12.87
N SER B 300 11.65 -11.48 11.54
CA SER B 300 12.38 -10.44 10.83
C SER B 300 11.43 -9.33 10.41
N ALA B 301 11.65 -8.12 10.96
CA ALA B 301 10.76 -6.99 10.72
C ALA B 301 10.70 -6.65 9.23
N GLY B 302 11.81 -6.85 8.52
CA GLY B 302 11.92 -6.49 7.12
C GLY B 302 11.14 -7.41 6.18
N LEU B 303 10.75 -8.61 6.67
CA LEU B 303 9.95 -9.51 5.86
C LEU B 303 8.50 -9.54 6.35
N ASP B 304 8.18 -8.78 7.39
CA ASP B 304 6.89 -8.84 8.04
C ASP B 304 5.89 -7.96 7.27
N PHE B 305 5.47 -8.44 6.10
CA PHE B 305 4.60 -7.67 5.22
C PHE B 305 3.62 -8.65 4.58
N PRO B 306 2.29 -8.40 4.61
CA PRO B 306 1.32 -9.38 4.11
C PRO B 306 1.06 -9.38 2.61
N SER B 307 1.92 -8.75 1.80
CA SER B 307 1.79 -8.85 0.36
C SER B 307 3.17 -8.99 -0.28
N VAL B 308 3.25 -8.82 -1.60
CA VAL B 308 4.50 -9.07 -2.30
C VAL B 308 4.43 -8.34 -3.64
N GLY B 309 5.58 -7.95 -4.20
CA GLY B 309 5.57 -7.19 -5.44
C GLY B 309 5.01 -8.00 -6.60
N PRO B 310 4.39 -7.33 -7.59
CA PRO B 310 3.71 -8.07 -8.66
C PRO B 310 4.61 -8.82 -9.64
N GLN B 311 5.85 -8.39 -9.82
CA GLN B 311 6.67 -9.10 -10.79
C GLN B 311 7.01 -10.48 -10.23
N HIS B 312 7.15 -10.58 -8.90
CA HIS B 312 7.34 -11.90 -8.31
C HIS B 312 6.13 -12.80 -8.51
N ALA B 313 4.94 -12.26 -8.27
CA ALA B 313 3.74 -13.04 -8.49
C ALA B 313 3.70 -13.55 -9.93
N TYR B 314 4.03 -12.66 -10.90
CA TYR B 314 4.06 -13.01 -12.30
C TYR B 314 5.10 -14.10 -12.59
N LEU B 315 6.35 -13.88 -12.16
CA LEU B 315 7.41 -14.85 -12.43
C LEU B 315 7.06 -16.22 -11.85
N ASN B 316 6.40 -16.23 -10.69
CA ASN B 316 5.92 -17.48 -10.13
C ASN B 316 4.86 -18.11 -11.04
N SER B 317 3.88 -17.31 -11.47
N SER B 317 3.89 -17.30 -11.47
CA SER B 317 2.74 -17.85 -12.19
CA SER B 317 2.74 -17.80 -12.21
C SER B 317 3.20 -18.59 -13.45
C SER B 317 3.18 -18.56 -13.46
N ILE B 318 4.22 -18.05 -14.13
CA ILE B 318 4.67 -18.63 -15.40
C ILE B 318 5.72 -19.71 -15.16
N GLY B 319 6.13 -19.88 -13.90
CA GLY B 319 7.07 -20.94 -13.57
C GLY B 319 8.54 -20.55 -13.80
N ARG B 320 8.81 -19.26 -14.04
CA ARG B 320 10.18 -18.84 -14.27
C ARG B 320 10.95 -18.79 -12.96
N ALA B 321 10.27 -18.34 -11.89
CA ALA B 321 10.86 -18.30 -10.55
C ALA B 321 10.07 -19.19 -9.61
N ASP B 322 10.79 -19.78 -8.64
CA ASP B 322 10.19 -20.62 -7.61
C ASP B 322 10.27 -19.94 -6.25
N TYR B 323 9.23 -20.09 -5.45
CA TYR B 323 9.15 -19.44 -4.15
C TYR B 323 8.92 -20.49 -3.07
N VAL B 324 9.66 -20.33 -1.97
CA VAL B 324 9.63 -21.25 -0.85
C VAL B 324 9.50 -20.42 0.42
N SER B 325 9.42 -21.08 1.58
CA SER B 325 9.42 -20.39 2.86
C SER B 325 10.42 -21.03 3.83
N ILE B 326 10.81 -20.21 4.80
CA ILE B 326 11.76 -20.55 5.85
C ILE B 326 11.22 -19.97 7.16
N THR B 327 11.19 -20.80 8.21
CA THR B 327 10.62 -20.39 9.49
C THR B 327 11.62 -19.55 10.28
N ASP B 328 11.12 -18.95 11.37
CA ASP B 328 11.93 -18.18 12.30
C ASP B 328 13.10 -19.05 12.74
N ASP B 329 12.82 -20.31 13.10
CA ASP B 329 13.87 -21.15 13.67
C ASP B 329 14.94 -21.47 12.63
N GLU B 330 14.51 -21.77 11.40
CA GLU B 330 15.45 -22.04 10.33
C GLU B 330 16.33 -20.83 10.05
N ALA B 331 15.71 -19.65 10.03
CA ALA B 331 16.50 -18.45 9.80
C ALA B 331 17.50 -18.20 10.94
N LEU B 332 17.09 -18.43 12.18
CA LEU B 332 17.98 -18.24 13.32
C LEU B 332 19.20 -19.18 13.22
N GLU B 333 18.97 -20.40 12.73
N GLU B 333 18.98 -20.42 12.76
CA GLU B 333 20.04 -21.38 12.66
CA GLU B 333 20.09 -21.36 12.66
C GLU B 333 21.04 -20.98 11.56
C GLU B 333 21.08 -20.87 11.60
N ALA B 334 20.54 -20.36 10.48
CA ALA B 334 21.39 -19.90 9.40
C ALA B 334 22.22 -18.71 9.87
N PHE B 335 21.58 -17.83 10.66
CA PHE B 335 22.24 -16.67 11.25
C PHE B 335 23.45 -17.12 12.08
N LYS B 336 23.18 -18.03 13.01
CA LYS B 336 24.21 -18.55 13.90
C LYS B 336 25.33 -19.19 13.09
N THR B 337 24.96 -19.98 12.08
CA THR B 337 25.92 -20.72 11.27
C THR B 337 26.84 -19.75 10.53
N LEU B 338 26.30 -18.67 9.97
CA LEU B 338 27.17 -17.78 9.22
C LEU B 338 28.12 -17.03 10.16
N CYS B 339 27.61 -16.60 11.33
CA CYS B 339 28.42 -15.86 12.28
C CYS B 339 29.61 -16.72 12.68
N ARG B 340 29.32 -17.99 13.01
N ARG B 340 29.33 -17.98 13.01
CA ARG B 340 30.30 -18.86 13.66
CA ARG B 340 30.33 -18.83 13.65
C ARG B 340 31.30 -19.43 12.64
C ARG B 340 31.32 -19.43 12.64
N HIS B 341 30.85 -19.66 11.41
CA HIS B 341 31.67 -20.40 10.46
C HIS B 341 32.18 -19.56 9.30
N GLU B 342 31.59 -18.36 9.06
CA GLU B 342 32.14 -17.50 8.03
C GLU B 342 32.52 -16.12 8.60
N GLY B 343 32.17 -15.83 9.85
CA GLY B 343 32.54 -14.55 10.45
C GLY B 343 31.80 -13.40 9.79
N ILE B 344 30.58 -13.69 9.33
CA ILE B 344 29.73 -12.65 8.76
C ILE B 344 28.43 -12.66 9.54
N ILE B 345 27.99 -11.47 9.98
CA ILE B 345 26.77 -11.38 10.77
C ILE B 345 25.69 -10.87 9.82
N PRO B 346 24.76 -11.74 9.38
CA PRO B 346 23.81 -11.34 8.34
C PRO B 346 22.55 -10.77 8.97
N ALA B 347 21.82 -9.94 8.21
CA ALA B 347 20.49 -9.55 8.64
C ALA B 347 19.62 -10.81 8.79
N LEU B 348 18.68 -10.77 9.74
CA LEU B 348 17.72 -11.86 9.85
C LEU B 348 16.92 -12.05 8.55
N GLU B 349 16.68 -10.98 7.78
CA GLU B 349 16.01 -11.12 6.49
C GLU B 349 16.83 -12.04 5.58
N SER B 350 18.10 -11.68 5.40
CA SER B 350 19.00 -12.37 4.49
C SER B 350 19.23 -13.81 4.97
N SER B 351 19.14 -13.99 6.29
CA SER B 351 19.29 -15.31 6.91
C SER B 351 18.24 -16.29 6.39
N HIS B 352 17.06 -15.78 5.97
CA HIS B 352 16.06 -16.67 5.39
C HIS B 352 16.56 -17.25 4.06
N ALA B 353 17.23 -16.43 3.24
CA ALA B 353 17.75 -16.89 1.96
C ALA B 353 18.85 -17.91 2.22
N LEU B 354 19.76 -17.55 3.13
CA LEU B 354 20.85 -18.46 3.50
C LEU B 354 20.28 -19.79 3.97
N ALA B 355 19.27 -19.75 4.85
CA ALA B 355 18.72 -21.01 5.38
C ALA B 355 18.25 -21.91 4.23
N HIS B 356 17.58 -21.33 3.22
CA HIS B 356 17.12 -22.17 2.14
C HIS B 356 18.27 -22.79 1.34
N ALA B 357 19.34 -22.00 1.10
CA ALA B 357 20.50 -22.50 0.39
C ALA B 357 21.13 -23.65 1.18
N LEU B 358 21.16 -23.50 2.51
CA LEU B 358 21.77 -24.56 3.35
C LEU B 358 20.91 -25.80 3.27
N LYS B 359 19.60 -25.61 3.14
N LYS B 359 19.58 -25.62 3.15
CA LYS B 359 18.70 -26.75 3.03
CA LYS B 359 18.69 -26.76 3.03
C LYS B 359 18.90 -27.45 1.69
C LYS B 359 18.91 -27.45 1.69
N MET B 360 19.06 -26.66 0.63
CA MET B 360 19.33 -27.22 -0.70
C MET B 360 20.58 -28.11 -0.66
N MET B 361 21.59 -27.62 0.05
CA MET B 361 22.85 -28.36 0.20
C MET B 361 22.64 -29.61 1.05
N ARG B 362 22.07 -29.43 2.25
CA ARG B 362 21.99 -30.52 3.22
C ARG B 362 21.07 -31.65 2.75
N GLU B 363 20.01 -31.30 2.03
CA GLU B 363 19.05 -32.30 1.63
C GLU B 363 19.63 -33.23 0.56
N GLN B 364 20.54 -32.71 -0.26
CA GLN B 364 21.10 -33.46 -1.38
C GLN B 364 22.60 -33.18 -1.43
N PRO B 365 23.39 -33.71 -0.47
CA PRO B 365 24.77 -33.26 -0.32
C PRO B 365 25.73 -33.68 -1.43
N GLU B 366 25.34 -34.67 -2.24
N GLU B 366 25.33 -34.67 -2.25
CA GLU B 366 26.16 -35.11 -3.36
CA GLU B 366 26.15 -35.11 -3.35
C GLU B 366 25.67 -34.51 -4.69
C GLU B 366 25.67 -34.51 -4.68
N LYS B 367 24.71 -33.58 -4.60
CA LYS B 367 24.26 -32.87 -5.80
C LYS B 367 25.27 -31.75 -6.08
N GLU B 368 25.84 -31.77 -7.28
CA GLU B 368 26.72 -30.68 -7.68
C GLU B 368 25.87 -29.44 -7.96
N GLN B 369 26.11 -28.36 -7.21
CA GLN B 369 25.35 -27.14 -7.47
C GLN B 369 26.16 -25.92 -7.09
N LEU B 370 26.10 -24.92 -7.99
CA LEU B 370 26.73 -23.63 -7.81
C LEU B 370 25.63 -22.61 -7.49
N LEU B 371 25.62 -22.13 -6.23
CA LEU B 371 24.55 -21.29 -5.72
C LEU B 371 25.08 -19.92 -5.33
N VAL B 372 24.24 -18.88 -5.52
CA VAL B 372 24.52 -17.55 -4.99
C VAL B 372 23.34 -17.16 -4.09
N VAL B 373 23.67 -16.73 -2.87
CA VAL B 373 22.70 -16.12 -1.97
C VAL B 373 22.92 -14.62 -1.97
N ASN B 374 21.82 -13.86 -2.15
CA ASN B 374 21.92 -12.43 -1.99
C ASN B 374 21.98 -12.10 -0.51
N LEU B 375 23.15 -11.69 -0.02
CA LEU B 375 23.25 -11.35 1.38
C LEU B 375 22.87 -9.87 1.50
N SER B 376 21.55 -9.68 1.61
CA SER B 376 20.95 -8.38 1.40
C SER B 376 21.34 -7.34 2.45
N GLY B 377 21.70 -7.78 3.67
CA GLY B 377 22.13 -6.83 4.67
C GLY B 377 22.94 -7.46 5.81
N ARG B 378 23.53 -6.58 6.63
CA ARG B 378 24.24 -6.96 7.83
C ARG B 378 23.27 -6.99 9.00
N GLY B 379 23.65 -7.74 10.06
CA GLY B 379 22.72 -8.07 11.11
C GLY B 379 22.93 -7.29 12.40
N ASP B 380 23.70 -6.19 12.33
CA ASP B 380 23.94 -5.32 13.48
C ASP B 380 22.61 -4.95 14.14
N LYS B 381 21.60 -4.68 13.32
CA LYS B 381 20.32 -4.23 13.83
C LYS B 381 19.62 -5.34 14.62
N ASP B 382 20.05 -6.61 14.42
CA ASP B 382 19.35 -7.77 14.94
C ASP B 382 20.06 -8.39 16.14
N ILE B 383 21.24 -7.88 16.51
CA ILE B 383 22.06 -8.59 17.49
C ILE B 383 21.36 -8.64 18.85
N PHE B 384 20.59 -7.59 19.18
CA PHE B 384 19.89 -7.53 20.46
C PHE B 384 18.71 -8.51 20.47
N THR B 385 17.91 -8.51 19.39
CA THR B 385 16.82 -9.46 19.22
C THR B 385 17.32 -10.89 19.37
N VAL B 386 18.41 -11.23 18.66
CA VAL B 386 18.93 -12.60 18.62
C VAL B 386 19.47 -12.99 20.00
N HIS B 387 20.16 -12.06 20.67
CA HIS B 387 20.62 -12.28 22.04
C HIS B 387 19.47 -12.70 22.94
N ASP B 388 18.38 -11.92 22.92
CA ASP B 388 17.26 -12.14 23.81
C ASP B 388 16.59 -13.48 23.52
N ILE B 389 16.60 -13.90 22.25
CA ILE B 389 16.03 -15.18 21.87
C ILE B 389 16.90 -16.31 22.39
N LEU B 390 18.22 -16.22 22.15
CA LEU B 390 19.13 -17.28 22.54
C LEU B 390 19.22 -17.38 24.07
N LYS B 391 19.05 -16.24 24.75
CA LYS B 391 19.09 -16.20 26.21
C LYS B 391 17.89 -16.96 26.76
N ALA B 392 16.71 -16.78 26.15
CA ALA B 392 15.48 -17.39 26.64
C ALA B 392 15.47 -18.89 26.37
N ARG B 393 16.38 -19.33 25.50
CA ARG B 393 16.54 -20.73 25.12
C ARG B 393 17.57 -21.41 26.03
N GLY B 394 18.28 -20.62 26.82
CA GLY B 394 19.35 -21.11 27.68
C GLY B 394 20.58 -21.55 26.87
N GLU B 395 20.83 -20.87 25.74
CA GLU B 395 21.98 -21.16 24.91
C GLU B 395 23.16 -20.28 25.34
S DMS C . -31.10 0.16 -8.21
O DMS C . -30.45 1.43 -8.69
C1 DMS C . -29.84 -1.10 -8.27
C2 DMS C . -31.21 0.29 -6.45
S DMS D . -15.76 2.81 -10.89
O DMS D . -16.97 1.93 -10.73
C1 DMS D . -14.68 2.44 -9.54
C2 DMS D . -16.26 4.43 -10.39
C1 F9F E . -12.93 8.86 -0.56
C2 F9F E . -13.08 8.51 0.77
C3 F9F E . -14.28 8.70 1.41
C4 F9F E . -15.34 9.27 0.71
C5 F9F E . -15.19 9.62 -0.62
C6 F9F E . -13.99 9.40 -1.27
O7 F9F E . -11.66 8.60 -1.16
C8 F9F E . -11.45 8.88 -2.45
F9F F9F E . -11.61 10.16 -2.74
F10 F9F E . -10.20 8.56 -2.74
F11 F9F E . -12.23 8.19 -3.28
S12 F9F E . -16.87 9.54 1.54
N13 F9F E . -16.51 10.14 2.98
C14 F9F E . -15.79 11.42 2.93
C15 F9F E . -16.05 12.29 4.12
O16 F9F E . -14.97 13.24 4.18
P17 F9F E . -14.77 14.03 5.58
O18 F9F E . -13.50 14.84 5.41
O19 F9F E . -14.67 12.93 6.64
O20 F9F E . -16.03 14.87 5.73
O21 F9F E . -17.52 8.28 1.72
O22 F9F E . -17.53 10.59 0.82
S DMS F . -27.44 4.62 -13.62
O DMS F . -28.76 4.76 -12.90
C1 DMS F . -26.80 3.02 -13.18
C2 DMS F . -27.83 4.27 -15.31
CS CS G . -23.20 11.05 -17.22
CL CL H . -7.81 -5.74 18.35
CL CL I . -4.60 17.46 3.84
CL CL I . -3.82 18.30 1.99
N1 HVK J . 0.91 0.98 -21.48
C2 HVK J . 0.80 -0.35 -21.63
C3 HVK J . 1.80 -1.07 -22.30
C4 HVK J . 2.90 -0.38 -22.81
C5 HVK J . 2.99 0.98 -22.63
C6 HVK J . 1.97 1.66 -21.96
N HVK J . -0.28 -1.01 -21.14
S DMS K . 35.63 -5.78 -5.36
O DMS K . 35.72 -4.29 -5.47
C1 DMS K . 33.95 -6.20 -5.75
C2 DMS K . 35.55 -6.13 -3.62
S DMS L . -0.62 18.43 -1.65
O DMS L . 0.84 18.59 -1.97
C1 DMS L . -0.98 19.70 -0.46
C2 DMS L . -1.49 19.16 -3.02
S DMS M . 23.98 3.59 -12.78
O DMS M . 24.11 3.89 -14.25
C1 DMS M . 22.77 2.29 -12.66
C2 DMS M . 25.41 2.62 -12.36
N1 1D0 N . 17.00 -7.57 3.37
C2 1D0 N . 9.17 -1.89 2.73
C4 1D0 N . 7.29 -3.18 1.95
C5 1D0 N . 7.98 -4.35 2.21
C6 1D0 N . 9.25 -4.30 2.75
O 1D0 N . 9.82 -0.73 3.00
C3 1D0 N . 7.88 -1.95 2.20
C1 1D0 N . 9.85 -3.07 2.98
N 1D0 N . 11.10 -2.94 3.54
O3P 1D0 N . 12.00 -7.78 -0.22
P 1D0 N . 12.89 -6.58 0.01
O1P 1D0 N . 12.32 -5.30 -0.55
O2P 1D0 N . 14.32 -6.80 -0.45
O4P 1D0 N . 12.86 -6.33 1.61
C5M 1D0 N . 13.39 -7.45 2.40
C51 1D0 N . 14.69 -7.07 3.06
C61 1D0 N . 15.81 -7.82 2.81
C41 1D0 N . 14.79 -5.98 3.93
C31 1D0 N . 16.03 -5.71 4.51
O3 1D0 N . 16.22 -4.67 5.36
C21 1D0 N . 17.12 -6.54 4.20
C2A 1D0 N . 18.47 -6.27 4.82
C4A 1D0 N . 13.56 -5.17 4.22
N2 1D0 N . 13.69 -4.12 5.21
CA 1D0 N . 12.76 -3.25 5.34
C 1D0 N . 13.12 -1.87 5.80
O1 1D0 N . 12.23 -0.99 5.99
OXT 1D0 N . 14.36 -1.68 5.81
CB 1D0 N . 11.40 -3.45 4.85
S DMS O . -0.60 11.51 7.47
O DMS O . -0.24 10.07 7.93
C1 DMS O . -1.22 12.34 8.92
C2 DMS O . -2.12 11.39 6.59
S DMS P . 10.30 -27.10 7.94
O DMS P . 9.94 -28.58 7.98
C1 DMS P . 9.94 -26.50 9.57
C2 DMS P . 8.96 -26.32 7.09
CS CS Q . 31.97 -27.72 -1.08
CS CS Q . 32.61 -27.77 -2.48
CS CS R . 6.34 -10.85 2.67
CS CS R . 6.45 -11.95 0.74
CL CL S . 31.66 -6.69 -11.62
CL CL T . 12.25 14.71 -16.22
CL CL T . 11.20 15.50 -14.75
CL CL U . 20.28 3.34 -18.52
CL CL U . 18.74 2.52 -18.85
CL CL V . -5.43 -5.85 -17.19
CL CL V . -3.99 -6.55 -16.85
CL CL W . 28.06 -7.94 -21.04
CL CL X . 7.73 -8.90 -17.45
CL CL X . 5.73 -9.13 -17.89
CL CL Y . 8.78 -24.03 1.40
CL CL Z . 15.25 -22.61 -13.77
CL CL Z . 15.80 -24.13 -14.84
CL CL AA . -5.45 1.86 9.06
CL CL BA . 26.34 -16.79 21.38
CL CL CA . -1.31 -19.63 -5.61
CL CL DA . 36.86 -20.14 -14.31
CL CL DA . 37.72 -21.24 -12.94
CL CL EA . 19.26 -24.80 -12.48
CL CL FA . 1.25 8.10 12.86
CL CL FA . 0.07 5.93 15.01
#